data_3ZN0
#
_entry.id   3ZN0
#
_cell.length_a   119.910
_cell.length_b   180.380
_cell.length_c   234.139
_cell.angle_alpha   90.00
_cell.angle_beta   90.00
_cell.angle_gamma   90.00
#
_symmetry.space_group_name_H-M   'I 2 2 2'
#
loop_
_entity.id
_entity.type
_entity.pdbx_description
1 polymer 'LYSINE-SPECIFIC HISTONE DEMETHYLASE 1A'
2 polymer 'REST COREPRESSOR 1'
3 polymer PEPTIDE
4 non-polymer 'FLAVIN-ADENINE DINUCLEOTIDE'
#
loop_
_entity_poly.entity_id
_entity_poly.type
_entity_poly.pdbx_seq_one_letter_code
_entity_poly.pdbx_strand_id
1 'polypeptide(L)'
;MLSGKKAAAAAAAAAAAATGTEAGPGTAGGSENGSEVAAQPAGLSGPAEVGPGAVGERTPRKKEPPRASPPGGLAEPPGS
AGPQAGPTVVPGSATPMETGIAETPEGRRTSRRKRAKVEYREMDESLANLSEDEYYSEEERNAKAEKEKKLPPPPPQAPP
EEENESEPEEPSGQAGGLQDDSSGGYGDGQPSGVEGAAFQSRLPHDRMTSQEAACFPDIISGPQQTQKVFLFIRNRTLQL
WLDNPKIQLTFEATLQQLEAPYNSDTVLVHRVHSYLERHGLINFGIYKRIKPLPTKKTGKVIIIGSGVSGLAAARQLQSF
GMDVTLLEARDRVGGRVATFRKGNYVADLGAMVVTGLGGNPMAVVSKQVNMELAKIKQKCPLYEANGQAVPKEKDEMVEQ
EFNRLLEATSYLSHQLDFNVLNNKPVSLGQALEVVIQLQEKHVKDEQIEHWKKIVKTQEELKELLNKMVNLKEKIKELHQ
QYKEASEVKPPRDITAEFLVKSKHRDLTALCKEYDELAETQGKLEEKLQELEANPPSDVYLSSRDRQILDWHFANLEFAN
ATPLSTLSLKHWDQDDDFEFTGSHLTVRNGYSCVPVALAEGLDIKLNTAVRQVRYTASGCEVIAVNTRSTSQTFIYKCDA
VLCTLPLGVLKQQPPAVQFVPPLPEWKTSAVQRMGFGNLNKVVLCFDRVFWDPSVNLFGHVGSTTASRGELFLFWNLYKA
PILLALVAGEAAGIMENISDDVIVGRCLAILKGIFGSSAVPQPKETVVSRWRADPWARGSYSYVAAGSSGNDYDLMAQPI
TPGPSIPGAPQPIPRLFFAGEHTIRNYPATVHGALLSGLREAGRIADQFLGAMYTLPRQATPGVPAQQSPSM
;
A
2 'polypeptide(L)'
;MVEKGPEVSGKRRGRNNAAASASAAAASAAASAACASPAATAASGAAASSASAAAASAAAAPNNGQNKSLAAAAPNGNSS
SNSWEEGSSGSSSDEEHGGGGMRVGPQYQAVVPDFDPAKLARRSQERDNLGMLVWSPNQNLSEAKLDEYIAIAKEKHGYN
MEQALGMLFWHKHNIEKSLADLPNFTPFPDEWTVEDKVLFEQAFSFHGKTFHRIQQMLPDKSIASLVKFYYSWKKTRTKT
SVMDRHARKQKREREESEDELEEANGNNPIDIEVDQNKESKKEVPPTETVPQVKKEKHSTQAKNRAKRKPPKGMFLSQED
VEAVSANATAATTVLRQLDMELVSVKRQIQNIKQTNSALKEKLDGGIEPYRLPEVIQKCNARWTTEEQLLAVQAIRKYGR
DFQAISDVIGNKSVVQVKNFFVNYRRRFNIDEVLQEWEAEHGKEETNGPSNQKPVKSPDNSIKMPEEEDEAPVLDVRYAS
AS
;
B
3 'polypeptide(L)' PRSFAA C
#
loop_
_chem_comp.id
_chem_comp.type
_chem_comp.name
_chem_comp.formula
FAD non-polymer 'FLAVIN-ADENINE DINUCLEOTIDE' 'C27 H33 N9 O15 P2'
#
# COMPACT_ATOMS: atom_id res chain seq x y z
N PRO A 191 -7.10 1.02 -27.62
CA PRO A 191 -7.91 1.77 -28.59
C PRO A 191 -7.18 1.99 -29.92
N SER A 192 -7.95 2.17 -31.00
CA SER A 192 -7.38 2.41 -32.33
C SER A 192 -8.23 3.38 -33.16
N GLY A 193 -7.65 3.89 -34.25
CA GLY A 193 -8.31 4.86 -35.11
C GLY A 193 -8.13 6.28 -34.64
N VAL A 194 -9.17 7.10 -34.81
CA VAL A 194 -9.14 8.49 -34.35
C VAL A 194 -9.21 8.59 -32.83
N GLU A 195 -9.97 7.69 -32.21
CA GLU A 195 -10.15 7.69 -30.76
C GLU A 195 -8.89 7.23 -30.03
N GLY A 196 -8.09 6.39 -30.69
CA GLY A 196 -6.83 5.90 -30.15
C GLY A 196 -5.75 6.98 -30.17
N ALA A 197 -5.86 7.87 -31.14
CA ALA A 197 -4.96 9.02 -31.26
C ALA A 197 -5.15 10.01 -30.10
N ALA A 198 -6.40 10.25 -29.71
CA ALA A 198 -6.70 11.11 -28.57
C ALA A 198 -6.17 10.51 -27.28
N PHE A 199 -6.26 9.19 -27.17
CA PHE A 199 -5.72 8.46 -26.03
C PHE A 199 -4.19 8.55 -26.00
N GLN A 200 -3.56 8.28 -27.15
CA GLN A 200 -2.11 8.35 -27.28
C GLN A 200 -1.59 9.77 -27.03
N SER A 201 -2.50 10.74 -27.04
CA SER A 201 -2.16 12.13 -26.75
C SER A 201 -2.72 12.61 -25.42
N ARG A 202 -3.11 11.66 -24.56
CA ARG A 202 -3.61 11.94 -23.20
C ARG A 202 -4.85 12.84 -23.16
N LEU A 203 -5.70 12.73 -24.18
CA LEU A 203 -6.91 13.53 -24.31
C LEU A 203 -8.16 12.66 -24.42
N PRO A 204 -9.27 13.10 -23.80
CA PRO A 204 -10.54 12.41 -24.00
C PRO A 204 -11.03 12.62 -25.44
N HIS A 205 -11.31 11.52 -26.14
CA HIS A 205 -11.68 11.54 -27.56
C HIS A 205 -13.01 12.16 -27.83
N ASP A 206 -13.88 12.19 -26.82
CA ASP A 206 -15.27 12.60 -26.99
C ASP A 206 -15.65 13.79 -26.12
N ARG A 207 -14.64 14.53 -25.66
CA ARG A 207 -14.86 15.67 -24.79
C ARG A 207 -13.78 16.73 -25.03
N MET A 208 -14.16 18.00 -24.88
CA MET A 208 -13.21 19.11 -25.02
C MET A 208 -12.56 19.41 -23.69
N THR A 209 -11.22 19.51 -23.70
CA THR A 209 -10.44 19.81 -22.49
C THR A 209 -10.55 21.28 -22.12
N SER A 210 -10.18 21.60 -20.89
CA SER A 210 -10.18 22.98 -20.40
C SER A 210 -9.30 23.90 -21.26
N GLN A 211 -8.16 23.38 -21.70
CA GLN A 211 -7.25 24.12 -22.55
C GLN A 211 -7.89 24.47 -23.90
N GLU A 212 -8.62 23.51 -24.47
CA GLU A 212 -9.34 23.71 -25.73
C GLU A 212 -10.49 24.69 -25.57
N ALA A 213 -11.14 24.66 -24.40
CA ALA A 213 -12.22 25.58 -24.07
C ALA A 213 -11.74 27.03 -24.05
N ALA A 214 -10.49 27.23 -23.63
CA ALA A 214 -9.89 28.55 -23.58
C ALA A 214 -9.62 29.11 -24.97
N CYS A 215 -9.07 28.26 -25.85
CA CYS A 215 -8.70 28.68 -27.20
C CYS A 215 -9.86 28.69 -28.17
N PHE A 216 -10.90 27.91 -27.87
CA PHE A 216 -12.07 27.82 -28.75
C PHE A 216 -13.35 28.04 -27.96
N PRO A 217 -13.49 29.19 -27.28
CA PRO A 217 -14.67 29.39 -26.44
C PRO A 217 -15.95 29.55 -27.26
N ASP A 218 -15.79 29.79 -28.56
CA ASP A 218 -16.91 29.86 -29.49
C ASP A 218 -17.52 28.48 -29.72
N ILE A 219 -16.66 27.47 -29.85
CA ILE A 219 -17.08 26.10 -30.16
C ILE A 219 -17.68 25.37 -28.95
N ILE A 220 -16.96 25.34 -27.83
CA ILE A 220 -17.42 24.63 -26.64
C ILE A 220 -18.72 25.19 -26.04
N SER A 221 -18.97 26.48 -26.22
CA SER A 221 -20.21 27.09 -25.74
C SER A 221 -21.32 27.01 -26.80
N GLY A 222 -20.95 26.55 -27.99
CA GLY A 222 -21.89 26.44 -29.11
C GLY A 222 -22.65 25.13 -29.14
N PRO A 223 -23.31 24.83 -30.28
CA PRO A 223 -24.07 23.58 -30.46
C PRO A 223 -23.21 22.32 -30.48
N GLN A 224 -23.75 21.25 -29.89
CA GLN A 224 -23.06 19.96 -29.74
C GLN A 224 -22.53 19.38 -31.06
N GLN A 225 -23.25 19.66 -32.14
CA GLN A 225 -22.87 19.22 -33.47
C GLN A 225 -21.49 19.74 -33.86
N THR A 226 -21.26 21.04 -33.64
CA THR A 226 -19.99 21.67 -33.99
C THR A 226 -18.84 21.08 -33.18
N GLN A 227 -19.09 20.85 -31.88
CA GLN A 227 -18.12 20.26 -30.97
C GLN A 227 -17.58 18.93 -31.49
N LYS A 228 -18.49 18.09 -32.00
CA LYS A 228 -18.12 16.79 -32.56
C LYS A 228 -17.28 16.93 -33.83
N VAL A 229 -17.56 17.98 -34.61
CA VAL A 229 -16.77 18.28 -35.80
C VAL A 229 -15.37 18.66 -35.35
N PHE A 230 -15.30 19.56 -34.36
CA PHE A 230 -14.03 19.97 -33.76
C PHE A 230 -13.24 18.77 -33.25
N LEU A 231 -13.90 17.96 -32.41
CA LEU A 231 -13.27 16.81 -31.79
C LEU A 231 -12.70 15.85 -32.83
N PHE A 232 -13.47 15.60 -33.90
CA PHE A 232 -12.99 14.74 -34.99
C PHE A 232 -11.78 15.34 -35.70
N ILE A 233 -11.85 16.64 -35.98
CA ILE A 233 -10.75 17.32 -36.65
C ILE A 233 -9.48 17.16 -35.83
N ARG A 234 -9.59 17.51 -34.54
CA ARG A 234 -8.50 17.35 -33.58
C ARG A 234 -7.92 15.94 -33.64
N ASN A 235 -8.79 14.96 -33.39
CA ASN A 235 -8.38 13.55 -33.33
C ASN A 235 -7.77 13.04 -34.63
N ARG A 236 -8.31 13.46 -35.77
CA ARG A 236 -7.81 13.05 -37.07
C ARG A 236 -6.42 13.61 -37.34
N THR A 237 -6.23 14.88 -36.98
CA THR A 237 -4.93 15.53 -37.13
C THR A 237 -3.88 14.84 -36.26
N LEU A 238 -4.26 14.54 -35.03
CA LEU A 238 -3.40 13.79 -34.10
C LEU A 238 -2.99 12.46 -34.70
N GLN A 239 -3.97 11.73 -35.23
CA GLN A 239 -3.74 10.45 -35.91
C GLN A 239 -2.71 10.59 -37.01
N LEU A 240 -2.89 11.60 -37.88
CA LEU A 240 -1.98 11.86 -38.98
C LEU A 240 -0.54 12.03 -38.51
N TRP A 241 -0.35 12.86 -37.49
CA TRP A 241 0.96 13.10 -36.91
C TRP A 241 1.53 11.86 -36.27
N LEU A 242 0.68 11.11 -35.57
CA LEU A 242 1.13 9.92 -34.85
C LEU A 242 1.52 8.78 -35.80
N ASP A 243 0.76 8.63 -36.89
CA ASP A 243 1.04 7.60 -37.89
C ASP A 243 2.38 7.81 -38.58
N ASN A 244 2.82 9.06 -38.64
CA ASN A 244 4.09 9.41 -39.23
C ASN A 244 4.74 10.59 -38.49
N PRO A 245 5.53 10.30 -37.45
CA PRO A 245 6.12 11.35 -36.63
C PRO A 245 7.53 11.77 -37.05
N LYS A 246 8.03 11.23 -38.15
CA LYS A 246 9.37 11.58 -38.63
C LYS A 246 9.39 12.74 -39.64
N ILE A 247 8.20 13.20 -40.03
CA ILE A 247 8.07 14.38 -40.89
C ILE A 247 7.06 15.38 -40.32
N GLN A 248 7.33 16.67 -40.51
CA GLN A 248 6.44 17.74 -40.08
C GLN A 248 5.06 17.57 -40.70
N LEU A 249 4.02 17.84 -39.92
CA LEU A 249 2.66 17.85 -40.44
C LEU A 249 2.14 19.27 -40.61
N THR A 250 2.04 19.69 -41.87
CA THR A 250 1.60 21.04 -42.22
C THR A 250 0.08 21.13 -42.22
N PHE A 251 -0.43 22.35 -42.24
CA PHE A 251 -1.86 22.59 -42.36
C PHE A 251 -2.37 22.12 -43.72
N GLU A 252 -1.52 22.25 -44.74
CA GLU A 252 -1.83 21.81 -46.11
C GLU A 252 -2.04 20.30 -46.17
N ALA A 253 -1.05 19.54 -45.66
CA ALA A 253 -1.11 18.08 -45.63
C ALA A 253 -2.31 17.57 -44.82
N THR A 254 -2.72 18.33 -43.81
CA THR A 254 -3.84 17.98 -42.96
C THR A 254 -5.17 18.16 -43.70
N LEU A 255 -5.36 19.33 -44.30
CA LEU A 255 -6.60 19.65 -45.03
C LEU A 255 -6.80 18.72 -46.22
N GLN A 256 -5.69 18.36 -46.86
CA GLN A 256 -5.69 17.40 -47.97
C GLN A 256 -6.36 16.08 -47.59
N GLN A 257 -6.03 15.55 -46.40
CA GLN A 257 -6.50 14.23 -45.98
C GLN A 257 -7.78 14.23 -45.14
N LEU A 258 -8.48 15.35 -45.12
CA LEU A 258 -9.77 15.44 -44.43
C LEU A 258 -10.95 15.30 -45.39
N GLU A 259 -12.08 14.82 -44.86
CA GLU A 259 -13.28 14.56 -45.65
C GLU A 259 -14.40 15.55 -45.32
N ALA A 260 -15.42 15.59 -46.17
CA ALA A 260 -16.63 16.37 -45.91
C ALA A 260 -17.46 15.67 -44.83
N PRO A 261 -18.17 16.45 -43.97
CA PRO A 261 -18.24 17.92 -43.95
C PRO A 261 -17.13 18.57 -43.12
N TYR A 262 -16.12 17.79 -42.74
CA TYR A 262 -15.05 18.28 -41.86
C TYR A 262 -14.06 19.18 -42.59
N ASN A 263 -13.82 18.90 -43.87
CA ASN A 263 -12.88 19.71 -44.68
C ASN A 263 -13.52 20.94 -45.35
N SER A 264 -14.76 21.25 -44.97
CA SER A 264 -15.49 22.38 -45.54
C SER A 264 -15.06 23.71 -44.91
N ASP A 265 -15.01 23.75 -43.58
CA ASP A 265 -14.57 24.95 -42.85
C ASP A 265 -13.06 24.92 -42.67
N THR A 266 -12.34 25.60 -43.57
CA THR A 266 -10.87 25.56 -43.58
C THR A 266 -10.24 26.41 -42.47
N VAL A 267 -10.97 27.43 -42.00
CA VAL A 267 -10.47 28.26 -40.89
C VAL A 267 -10.52 27.50 -39.57
N LEU A 268 -11.54 26.66 -39.39
CA LEU A 268 -11.61 25.77 -38.23
C LEU A 268 -10.44 24.78 -38.23
N VAL A 269 -10.15 24.20 -39.40
CA VAL A 269 -9.02 23.28 -39.55
C VAL A 269 -7.71 23.99 -39.20
N HIS A 270 -7.57 25.23 -39.66
CA HIS A 270 -6.37 26.02 -39.42
C HIS A 270 -6.23 26.39 -37.97
N ARG A 271 -7.36 26.77 -37.34
CA ARG A 271 -7.39 27.06 -35.91
C ARG A 271 -6.97 25.87 -35.06
N VAL A 272 -7.47 24.68 -35.44
CA VAL A 272 -7.12 23.45 -34.75
C VAL A 272 -5.66 23.08 -34.97
N HIS A 273 -5.22 23.03 -36.22
CA HIS A 273 -3.84 22.66 -36.54
C HIS A 273 -2.83 23.50 -35.82
N SER A 274 -3.09 24.81 -35.79
CA SER A 274 -2.20 25.76 -35.13
C SER A 274 -2.15 25.52 -33.63
N TYR A 275 -3.32 25.31 -33.04
CA TYR A 275 -3.44 24.98 -31.62
C TYR A 275 -2.58 23.76 -31.24
N LEU A 276 -2.68 22.72 -32.05
CA LEU A 276 -1.97 21.47 -31.79
C LEU A 276 -0.47 21.60 -32.00
N GLU A 277 -0.07 22.51 -32.88
CA GLU A 277 1.33 22.75 -33.14
C GLU A 277 1.93 23.58 -32.00
N ARG A 278 1.17 24.59 -31.56
CA ARG A 278 1.59 25.51 -30.53
C ARG A 278 1.82 24.79 -29.20
N HIS A 279 0.90 23.91 -28.83
CA HIS A 279 1.00 23.19 -27.57
C HIS A 279 1.71 21.87 -27.69
N GLY A 280 2.42 21.69 -28.80
CA GLY A 280 3.36 20.59 -28.97
C GLY A 280 2.77 19.19 -28.99
N LEU A 281 1.50 19.10 -29.37
CA LEU A 281 0.84 17.82 -29.54
C LEU A 281 1.21 17.22 -30.89
N ILE A 282 1.40 18.09 -31.88
CA ILE A 282 1.93 17.68 -33.18
C ILE A 282 3.23 18.44 -33.44
N ASN A 283 4.09 17.85 -34.28
CA ASN A 283 5.38 18.45 -34.65
C ASN A 283 6.23 18.84 -33.43
N PHE A 284 6.48 17.85 -32.58
CA PHE A 284 7.39 18.02 -31.46
C PHE A 284 8.46 16.94 -31.55
N GLY A 285 9.66 17.26 -31.08
CA GLY A 285 10.76 16.31 -31.08
C GLY A 285 11.72 16.52 -32.23
N ILE A 286 11.94 15.46 -33.00
CA ILE A 286 12.91 15.47 -34.09
C ILE A 286 12.26 14.99 -35.39
N TYR A 287 12.09 15.92 -36.32
CA TYR A 287 11.38 15.65 -37.56
C TYR A 287 11.89 16.54 -38.69
N LYS A 288 11.82 16.02 -39.92
CA LYS A 288 12.18 16.80 -41.11
C LYS A 288 11.17 17.91 -41.34
N ARG A 289 11.69 19.12 -41.50
CA ARG A 289 10.87 20.29 -41.72
C ARG A 289 10.59 20.45 -43.21
N ILE A 290 9.31 20.61 -43.56
CA ILE A 290 8.92 20.84 -44.94
C ILE A 290 9.17 22.31 -45.30
N LYS A 291 8.73 23.23 -44.44
CA LYS A 291 9.02 24.65 -44.59
C LYS A 291 10.29 24.97 -43.80
N PRO A 292 11.41 25.27 -44.49
CA PRO A 292 12.63 25.65 -43.78
C PRO A 292 12.43 26.88 -42.89
N LEU A 293 13.10 26.90 -41.74
CA LEU A 293 12.91 27.93 -40.71
C LEU A 293 12.93 29.37 -41.25
N PRO A 294 12.02 30.23 -40.74
CA PRO A 294 11.88 31.62 -41.19
C PRO A 294 13.19 32.39 -41.24
N THR A 295 13.31 33.29 -42.22
CA THR A 295 14.54 34.05 -42.47
C THR A 295 15.07 34.78 -41.22
N LYS A 296 14.20 35.52 -40.55
CA LYS A 296 14.57 36.25 -39.34
C LYS A 296 13.77 35.85 -38.12
N LYS A 297 14.46 35.81 -36.98
CA LYS A 297 13.89 35.38 -35.71
C LYS A 297 13.14 36.52 -35.03
N THR A 298 12.24 36.16 -34.12
CA THR A 298 11.46 37.13 -33.37
C THR A 298 11.54 36.80 -31.88
N GLY A 299 11.94 37.77 -31.07
CA GLY A 299 12.06 37.58 -29.63
C GLY A 299 13.31 36.79 -29.25
N LYS A 300 13.75 36.95 -28.01
CA LYS A 300 14.94 36.28 -27.51
C LYS A 300 14.69 35.62 -26.15
N VAL A 301 14.95 34.31 -26.08
CA VAL A 301 14.74 33.53 -24.85
C VAL A 301 16.01 32.83 -24.40
N ILE A 302 16.37 33.05 -23.14
CA ILE A 302 17.44 32.33 -22.49
C ILE A 302 16.82 31.23 -21.63
N ILE A 303 17.29 30.00 -21.86
CA ILE A 303 16.84 28.83 -21.10
C ILE A 303 17.96 28.33 -20.19
N ILE A 304 17.66 28.26 -18.90
CA ILE A 304 18.59 27.73 -17.92
C ILE A 304 18.47 26.20 -17.84
N GLY A 305 19.59 25.53 -18.07
CA GLY A 305 19.65 24.08 -18.06
C GLY A 305 19.32 23.44 -19.41
N SER A 306 20.11 22.44 -19.78
CA SER A 306 19.86 21.68 -21.01
C SER A 306 19.52 20.24 -20.69
N GLY A 307 18.77 20.05 -19.59
CA GLY A 307 18.09 18.80 -19.32
C GLY A 307 17.00 18.60 -20.35
N VAL A 308 16.23 17.53 -20.22
CA VAL A 308 15.24 17.21 -21.24
C VAL A 308 14.14 18.27 -21.32
N SER A 309 13.73 18.82 -20.16
CA SER A 309 12.68 19.84 -20.16
C SER A 309 13.15 21.09 -20.92
N GLY A 310 14.37 21.53 -20.63
CA GLY A 310 14.99 22.63 -21.36
C GLY A 310 15.04 22.35 -22.86
N LEU A 311 15.71 21.26 -23.23
CA LEU A 311 15.88 20.87 -24.63
C LEU A 311 14.56 20.86 -25.41
N ALA A 312 13.54 20.26 -24.81
CA ALA A 312 12.23 20.16 -25.44
C ALA A 312 11.70 21.54 -25.80
N ALA A 313 11.67 22.44 -24.81
CA ALA A 313 11.17 23.80 -25.01
C ALA A 313 11.96 24.55 -26.09
N ALA A 314 13.28 24.46 -26.00
CA ALA A 314 14.18 25.08 -26.95
C ALA A 314 13.84 24.73 -28.39
N ARG A 315 13.67 23.43 -28.65
CA ARG A 315 13.33 22.96 -29.99
C ARG A 315 12.04 23.60 -30.49
N GLN A 316 11.05 23.67 -29.60
CA GLN A 316 9.76 24.24 -29.94
C GLN A 316 9.88 25.71 -30.28
N LEU A 317 10.58 26.46 -29.42
CA LEU A 317 10.72 27.89 -29.57
C LEU A 317 11.48 28.24 -30.85
N GLN A 318 12.50 27.44 -31.17
CA GLN A 318 13.19 27.55 -32.44
C GLN A 318 12.24 27.27 -33.61
N SER A 319 11.38 26.26 -33.46
CA SER A 319 10.38 25.91 -34.47
C SER A 319 9.35 27.03 -34.65
N PHE A 320 9.23 27.88 -33.63
CA PHE A 320 8.28 28.98 -33.69
C PHE A 320 8.94 30.25 -34.22
N GLY A 321 10.25 30.17 -34.44
CA GLY A 321 11.03 31.28 -34.97
C GLY A 321 11.49 32.26 -33.91
N MET A 322 11.96 31.76 -32.78
CA MET A 322 12.50 32.61 -31.72
C MET A 322 14.00 32.40 -31.58
N ASP A 323 14.69 33.40 -31.03
CA ASP A 323 16.11 33.27 -30.75
C ASP A 323 16.27 32.60 -29.39
N VAL A 324 16.90 31.43 -29.40
CA VAL A 324 16.99 30.61 -28.21
C VAL A 324 18.44 30.24 -27.89
N THR A 325 18.82 30.42 -26.64
CA THR A 325 20.11 29.95 -26.14
C THR A 325 19.93 29.26 -24.79
N LEU A 326 20.52 28.06 -24.68
CA LEU A 326 20.50 27.29 -23.45
C LEU A 326 21.81 27.42 -22.69
N LEU A 327 21.71 27.60 -21.38
CA LEU A 327 22.89 27.71 -20.52
C LEU A 327 23.01 26.50 -19.60
N GLU A 328 23.98 25.65 -19.89
CA GLU A 328 24.20 24.43 -19.14
C GLU A 328 25.44 24.56 -18.26
N ALA A 329 25.31 24.18 -16.99
CA ALA A 329 26.45 24.20 -16.06
C ALA A 329 27.38 23.01 -16.30
N ARG A 330 26.80 21.88 -16.67
CA ARG A 330 27.57 20.66 -16.96
C ARG A 330 28.30 20.76 -18.30
N ASP A 331 29.23 19.84 -18.51
CA ASP A 331 29.95 19.69 -19.77
C ASP A 331 29.21 18.77 -20.76
N ARG A 332 27.92 18.55 -20.51
CA ARG A 332 27.08 17.68 -21.33
C ARG A 332 25.60 18.06 -21.22
N VAL A 333 24.83 17.70 -22.23
CA VAL A 333 23.38 17.84 -22.20
C VAL A 333 22.75 16.63 -21.50
N GLY A 334 21.49 16.77 -21.09
CA GLY A 334 20.73 15.63 -20.55
C GLY A 334 20.32 15.78 -19.10
N GLY A 335 21.15 16.46 -18.33
CA GLY A 335 20.85 16.69 -16.91
C GLY A 335 20.78 15.41 -16.13
N ARG A 336 19.58 15.09 -15.65
CA ARG A 336 19.38 13.87 -14.87
C ARG A 336 19.24 12.62 -15.73
N VAL A 337 19.28 12.80 -17.06
CA VAL A 337 19.48 11.69 -17.98
C VAL A 337 20.98 11.55 -18.16
N ALA A 338 21.58 10.69 -17.34
CA ALA A 338 23.01 10.43 -17.38
C ALA A 338 23.24 8.99 -17.82
N THR A 339 24.27 8.79 -18.63
CA THR A 339 24.57 7.47 -19.19
C THR A 339 26.06 7.18 -19.19
N PHE A 340 26.45 6.19 -18.38
CA PHE A 340 27.84 5.73 -18.34
C PHE A 340 28.18 4.97 -19.60
N ARG A 341 29.33 5.30 -20.18
CA ARG A 341 29.84 4.63 -21.37
C ARG A 341 31.32 4.37 -21.25
N LYS A 342 31.73 3.16 -21.61
CA LYS A 342 33.13 2.76 -21.65
C LYS A 342 33.22 1.44 -22.41
N GLY A 343 33.84 1.49 -23.58
CA GLY A 343 33.97 0.32 -24.44
C GLY A 343 32.62 -0.12 -24.98
N ASN A 344 32.14 -1.25 -24.48
CA ASN A 344 30.83 -1.79 -24.84
C ASN A 344 29.84 -1.65 -23.69
N TYR A 345 30.36 -1.30 -22.51
CA TYR A 345 29.52 -1.10 -21.33
C TYR A 345 28.68 0.17 -21.46
N VAL A 346 27.38 0.01 -21.32
CA VAL A 346 26.42 1.12 -21.38
C VAL A 346 25.42 0.97 -20.23
N ALA A 347 25.42 1.92 -19.31
CA ALA A 347 24.52 1.87 -18.15
C ALA A 347 24.07 3.25 -17.69
N ASP A 348 22.76 3.43 -17.53
CA ASP A 348 22.21 4.71 -17.09
C ASP A 348 22.36 4.93 -15.59
N LEU A 349 22.96 6.05 -15.23
CA LEU A 349 23.07 6.44 -13.83
C LEU A 349 21.91 7.31 -13.40
N GLY A 350 21.07 7.68 -14.37
CA GLY A 350 19.89 8.48 -14.13
C GLY A 350 18.65 7.77 -14.61
N ALA A 351 17.84 8.44 -15.43
CA ALA A 351 16.64 7.83 -16.02
C ALA A 351 16.99 6.56 -16.79
N MET A 352 16.12 5.56 -16.66
CA MET A 352 16.42 4.22 -17.14
C MET A 352 15.21 3.55 -17.80
N VAL A 353 14.04 3.77 -17.22
CA VAL A 353 12.84 3.04 -17.62
C VAL A 353 11.83 3.93 -18.33
N VAL A 354 11.37 3.49 -19.49
CA VAL A 354 10.23 4.09 -20.18
C VAL A 354 9.00 3.36 -19.63
N THR A 355 8.20 4.06 -18.84
CA THR A 355 7.13 3.43 -18.08
C THR A 355 5.84 3.19 -18.89
N GLY A 356 5.97 2.44 -19.98
CA GLY A 356 4.84 2.10 -20.85
C GLY A 356 4.63 3.09 -21.96
N LEU A 357 4.28 2.59 -23.15
CA LEU A 357 4.12 3.43 -24.34
C LEU A 357 2.70 3.94 -24.55
N GLY A 358 1.76 3.45 -23.75
CA GLY A 358 0.35 3.81 -23.89
C GLY A 358 0.04 5.22 -23.43
N GLY A 359 0.09 6.17 -24.36
CA GLY A 359 -0.17 7.58 -24.07
C GLY A 359 1.09 8.34 -23.70
N ASN A 360 2.23 7.70 -23.94
CA ASN A 360 3.53 8.26 -23.60
C ASN A 360 4.09 9.07 -24.76
N PRO A 361 4.44 10.35 -24.52
CA PRO A 361 5.08 11.14 -25.57
C PRO A 361 6.42 10.54 -25.98
N MET A 362 6.99 9.71 -25.10
CA MET A 362 8.25 9.03 -25.39
C MET A 362 8.09 7.96 -26.47
N ALA A 363 6.85 7.51 -26.69
CA ALA A 363 6.54 6.61 -27.79
C ALA A 363 6.80 7.28 -29.13
N VAL A 364 6.42 8.55 -29.23
CA VAL A 364 6.65 9.35 -30.43
C VAL A 364 8.14 9.56 -30.62
N VAL A 365 8.83 9.91 -29.53
CA VAL A 365 10.26 10.14 -29.54
C VAL A 365 11.02 8.90 -30.01
N SER A 366 10.61 7.74 -29.51
CA SER A 366 11.28 6.47 -29.82
C SER A 366 11.15 6.07 -31.30
N LYS A 367 10.17 6.65 -31.98
CA LYS A 367 10.03 6.46 -33.41
C LYS A 367 10.94 7.42 -34.19
N GLN A 368 11.29 8.54 -33.56
CA GLN A 368 12.15 9.55 -34.16
C GLN A 368 13.63 9.30 -33.85
N VAL A 369 13.89 8.66 -32.71
CA VAL A 369 15.25 8.40 -32.24
C VAL A 369 15.46 6.90 -32.15
N ASN A 370 16.65 6.44 -32.55
CA ASN A 370 17.02 5.04 -32.42
C ASN A 370 17.22 4.64 -30.95
N MET A 371 16.12 4.48 -30.24
CA MET A 371 16.14 3.93 -28.89
C MET A 371 15.92 2.43 -29.02
N GLU A 372 16.83 1.65 -28.47
CA GLU A 372 16.70 0.20 -28.48
C GLU A 372 15.87 -0.20 -27.26
N LEU A 373 14.54 -0.17 -27.42
CA LEU A 373 13.61 -0.42 -26.32
C LEU A 373 13.35 -1.91 -26.08
N ALA A 374 13.74 -2.38 -24.91
CA ALA A 374 13.56 -3.78 -24.51
C ALA A 374 12.65 -3.88 -23.29
N LYS A 375 11.69 -4.81 -23.36
CA LYS A 375 10.72 -5.01 -22.29
C LYS A 375 11.34 -5.64 -21.04
N ILE A 376 10.74 -5.36 -19.89
CA ILE A 376 11.24 -5.87 -18.61
C ILE A 376 10.29 -6.95 -18.08
N LYS A 377 10.85 -8.14 -17.84
CA LYS A 377 10.10 -9.22 -17.21
C LYS A 377 10.00 -8.92 -15.72
N GLN A 378 8.77 -8.79 -15.23
CA GLN A 378 8.50 -8.28 -13.89
C GLN A 378 8.80 -9.27 -12.74
N LYS A 379 9.25 -10.48 -13.09
CA LYS A 379 9.56 -11.50 -12.08
C LYS A 379 10.79 -11.10 -11.26
N CYS A 380 10.61 -11.03 -9.94
CA CYS A 380 11.68 -10.58 -9.05
C CYS A 380 11.88 -11.52 -7.85
N PRO A 381 12.74 -12.55 -8.01
CA PRO A 381 13.08 -13.43 -6.89
C PRO A 381 13.85 -12.70 -5.79
N LEU A 382 13.46 -12.93 -4.54
CA LEU A 382 14.12 -12.32 -3.39
C LEU A 382 15.13 -13.29 -2.77
N TYR A 383 16.09 -12.74 -2.03
CA TYR A 383 17.12 -13.54 -1.38
C TYR A 383 17.45 -12.91 -0.04
N GLU A 384 17.20 -13.65 1.03
CA GLU A 384 17.39 -13.16 2.40
C GLU A 384 18.85 -12.89 2.73
N ALA A 385 19.08 -12.33 3.92
CA ALA A 385 20.41 -11.95 4.38
C ALA A 385 21.47 -13.05 4.19
N ASN A 386 21.10 -14.30 4.50
CA ASN A 386 22.01 -15.45 4.34
C ASN A 386 22.42 -15.73 2.89
N GLY A 387 21.53 -15.37 1.95
CA GLY A 387 21.80 -15.51 0.53
C GLY A 387 21.00 -16.60 -0.14
N GLN A 388 19.91 -17.03 0.51
CA GLN A 388 19.07 -18.09 -0.03
C GLN A 388 17.66 -17.60 -0.34
N ALA A 389 17.10 -18.09 -1.44
CA ALA A 389 15.81 -17.66 -1.94
C ALA A 389 14.69 -17.75 -0.91
N VAL A 390 13.80 -16.77 -0.93
CA VAL A 390 12.59 -16.81 -0.12
C VAL A 390 11.62 -17.79 -0.78
N PRO A 391 11.15 -18.79 -0.02
CA PRO A 391 10.19 -19.79 -0.53
C PRO A 391 8.90 -19.13 -1.03
N LYS A 392 8.41 -19.59 -2.18
CA LYS A 392 7.21 -19.04 -2.82
C LYS A 392 6.01 -18.95 -1.87
N GLU A 393 6.03 -19.76 -0.82
CA GLU A 393 5.05 -19.71 0.25
C GLU A 393 5.08 -18.35 0.95
N LYS A 394 6.23 -18.01 1.51
CA LYS A 394 6.45 -16.73 2.20
C LYS A 394 6.32 -15.56 1.22
N ASP A 395 7.06 -15.66 0.11
CA ASP A 395 7.11 -14.64 -0.92
C ASP A 395 5.73 -14.09 -1.25
N GLU A 396 4.80 -14.98 -1.58
CA GLU A 396 3.46 -14.58 -1.99
C GLU A 396 2.60 -14.08 -0.84
N MET A 397 2.86 -14.59 0.37
CA MET A 397 2.03 -14.25 1.53
C MET A 397 2.45 -12.94 2.20
N VAL A 398 3.75 -12.61 2.09
CA VAL A 398 4.25 -11.32 2.59
C VAL A 398 3.85 -10.21 1.63
N GLU A 399 4.03 -10.47 0.33
CA GLU A 399 3.62 -9.52 -0.72
C GLU A 399 2.15 -9.17 -0.60
N GLN A 400 1.30 -10.18 -0.45
CA GLN A 400 -0.13 -9.98 -0.28
C GLN A 400 -0.40 -9.10 0.93
N GLU A 401 0.35 -9.32 2.00
CA GLU A 401 0.21 -8.53 3.23
C GLU A 401 0.62 -7.09 2.98
N PHE A 402 1.69 -6.89 2.22
CA PHE A 402 2.13 -5.56 1.79
C PHE A 402 1.02 -4.81 1.06
N ASN A 403 0.53 -5.41 -0.04
CA ASN A 403 -0.56 -4.82 -0.83
C ASN A 403 -1.78 -4.50 0.01
N ARG A 404 -2.02 -5.36 1.00
CA ARG A 404 -3.15 -5.21 1.90
C ARG A 404 -2.91 -4.08 2.90
N LEU A 405 -1.67 -3.94 3.33
CA LEU A 405 -1.28 -2.85 4.24
C LEU A 405 -1.39 -1.48 3.56
N LEU A 406 -1.06 -1.42 2.27
CA LEU A 406 -1.21 -0.21 1.48
C LEU A 406 -2.66 0.25 1.40
N GLU A 407 -3.54 -0.63 0.93
CA GLU A 407 -4.97 -0.34 0.85
C GLU A 407 -5.50 0.16 2.19
N ALA A 408 -4.98 -0.44 3.27
CA ALA A 408 -5.36 -0.09 4.64
C ALA A 408 -5.07 1.37 4.97
N THR A 409 -3.92 1.86 4.50
CA THR A 409 -3.54 3.26 4.70
C THR A 409 -4.48 4.17 3.89
N SER A 410 -4.77 3.77 2.66
CA SER A 410 -5.73 4.49 1.82
C SER A 410 -7.09 4.62 2.51
N TYR A 411 -7.53 3.51 3.13
CA TYR A 411 -8.74 3.49 3.95
C TYR A 411 -8.63 4.48 5.12
N LEU A 412 -7.49 4.45 5.83
CA LEU A 412 -7.23 5.38 6.92
C LEU A 412 -7.33 6.84 6.48
N SER A 413 -6.87 7.09 5.25
CA SER A 413 -6.84 8.43 4.71
C SER A 413 -8.24 8.96 4.34
N HIS A 414 -8.94 8.23 3.47
CA HIS A 414 -10.20 8.72 2.91
C HIS A 414 -11.39 8.50 3.79
N GLN A 415 -11.48 7.31 4.39
CA GLN A 415 -12.66 6.90 5.14
C GLN A 415 -12.60 7.35 6.59
N LEU A 416 -11.47 7.09 7.26
CA LEU A 416 -11.31 7.47 8.66
C LEU A 416 -10.76 8.90 8.83
N ASP A 417 -10.37 9.51 7.71
CA ASP A 417 -9.82 10.89 7.66
C ASP A 417 -8.68 11.11 8.65
N PHE A 418 -7.74 10.18 8.66
CA PHE A 418 -6.56 10.23 9.55
C PHE A 418 -5.42 10.93 8.83
N ASN A 419 -5.50 12.26 8.75
CA ASN A 419 -4.54 13.04 7.97
C ASN A 419 -3.76 14.11 8.74
N VAL A 420 -4.25 14.49 9.91
CA VAL A 420 -3.54 15.43 10.79
C VAL A 420 -3.34 14.80 12.17
N LEU A 421 -2.09 14.75 12.61
CA LEU A 421 -1.75 14.23 13.94
C LEU A 421 -0.82 15.19 14.68
N ASN A 422 -1.36 15.80 15.74
CA ASN A 422 -0.63 16.82 16.51
C ASN A 422 -0.24 18.02 15.65
N ASN A 423 -1.21 18.52 14.90
CA ASN A 423 -1.02 19.64 13.94
C ASN A 423 -0.19 19.29 12.70
N LYS A 424 0.76 18.38 12.87
CA LYS A 424 1.61 17.91 11.77
C LYS A 424 0.84 16.98 10.84
N PRO A 425 1.06 17.09 9.52
CA PRO A 425 0.42 16.19 8.55
C PRO A 425 0.97 14.76 8.65
N VAL A 426 0.08 13.78 8.56
CA VAL A 426 0.46 12.37 8.68
C VAL A 426 1.18 11.90 7.41
N SER A 427 2.30 11.22 7.61
CA SER A 427 3.05 10.64 6.50
C SER A 427 2.60 9.20 6.25
N LEU A 428 2.95 8.69 5.07
CA LEU A 428 2.68 7.30 4.71
C LEU A 428 3.33 6.34 5.71
N GLY A 429 4.57 6.65 6.11
CA GLY A 429 5.30 5.88 7.12
C GLY A 429 4.58 5.77 8.44
N GLN A 430 4.14 6.91 8.98
CA GLN A 430 3.34 6.95 10.21
C GLN A 430 2.12 6.04 10.11
N ALA A 431 1.39 6.14 9.00
CA ALA A 431 0.16 5.39 8.78
C ALA A 431 0.40 3.89 8.70
N LEU A 432 1.45 3.49 7.98
CA LEU A 432 1.84 2.09 7.89
C LEU A 432 2.17 1.50 9.26
N GLU A 433 2.84 2.31 10.09
CA GLU A 433 3.19 1.92 11.46
C GLU A 433 1.92 1.73 12.28
N VAL A 434 1.00 2.69 12.20
CA VAL A 434 -0.28 2.62 12.90
C VAL A 434 -1.09 1.40 12.46
N VAL A 435 -1.12 1.14 11.15
CA VAL A 435 -1.85 -0.02 10.62
C VAL A 435 -1.25 -1.33 11.12
N ILE A 436 0.08 -1.45 11.08
CA ILE A 436 0.76 -2.66 11.56
C ILE A 436 0.48 -2.90 13.05
N GLN A 437 0.56 -1.85 13.85
CA GLN A 437 0.27 -1.93 15.28
C GLN A 437 -1.12 -2.48 15.55
N LEU A 438 -2.12 -1.99 14.82
CA LEU A 438 -3.50 -2.46 14.96
C LEU A 438 -3.68 -3.90 14.47
N GLN A 439 -2.75 -4.40 13.67
CA GLN A 439 -2.81 -5.78 13.20
C GLN A 439 -2.12 -6.71 14.19
N GLU A 440 -1.18 -6.16 14.95
CA GLU A 440 -0.59 -6.87 16.07
C GLU A 440 -1.55 -6.85 17.26
N LYS A 441 -2.28 -5.74 17.38
CA LYS A 441 -3.30 -5.58 18.42
C LYS A 441 -4.43 -6.59 18.25
N HIS A 442 -4.85 -6.80 17.01
CA HIS A 442 -5.90 -7.76 16.68
C HIS A 442 -5.46 -9.17 16.97
N VAL A 443 -4.21 -9.50 16.61
CA VAL A 443 -3.63 -10.81 16.89
C VAL A 443 -3.70 -11.14 18.39
N LYS A 444 -3.39 -10.15 19.22
CA LYS A 444 -3.47 -10.30 20.67
C LYS A 444 -4.92 -10.33 21.18
N ASP A 445 -5.77 -9.47 20.64
CA ASP A 445 -7.20 -9.45 20.99
C ASP A 445 -7.86 -10.81 20.72
N GLU A 446 -7.47 -11.45 19.62
CA GLU A 446 -7.97 -12.77 19.22
C GLU A 446 -7.51 -13.84 20.20
N GLN A 447 -6.25 -13.80 20.59
CA GLN A 447 -5.69 -14.75 21.55
C GLN A 447 -6.36 -14.62 22.91
N ILE A 448 -6.55 -13.38 23.36
CA ILE A 448 -7.18 -13.10 24.65
C ILE A 448 -8.58 -13.70 24.76
N GLU A 449 -9.43 -13.47 23.76
CA GLU A 449 -10.80 -13.98 23.79
C GLU A 449 -10.92 -15.49 23.50
N HIS A 450 -9.87 -16.08 22.93
CA HIS A 450 -9.82 -17.52 22.68
C HIS A 450 -9.50 -18.30 23.92
N TRP A 451 -8.50 -17.83 24.68
CA TRP A 451 -8.18 -18.41 25.97
C TRP A 451 -9.22 -18.02 27.00
N LYS A 452 -9.96 -16.94 26.71
CA LYS A 452 -11.10 -16.51 27.54
C LYS A 452 -12.28 -17.46 27.38
N LYS A 453 -12.38 -18.09 26.21
CA LYS A 453 -13.37 -19.13 25.97
C LYS A 453 -13.01 -20.38 26.76
N ILE A 454 -11.72 -20.71 26.78
CA ILE A 454 -11.23 -21.89 27.46
C ILE A 454 -11.50 -21.84 28.98
N VAL A 455 -11.19 -20.71 29.62
CA VAL A 455 -11.45 -20.56 31.06
C VAL A 455 -12.92 -20.66 31.44
N LYS A 456 -13.81 -20.18 30.59
CA LYS A 456 -15.25 -20.23 30.86
C LYS A 456 -15.77 -21.67 30.78
N THR A 457 -15.18 -22.46 29.88
CA THR A 457 -15.54 -23.87 29.72
C THR A 457 -14.88 -24.73 30.80
N GLN A 458 -13.60 -24.46 31.07
CA GLN A 458 -12.86 -25.13 32.13
C GLN A 458 -13.48 -24.84 33.51
N GLU A 459 -14.15 -23.69 33.62
CA GLU A 459 -14.81 -23.29 34.86
C GLU A 459 -16.22 -23.86 34.98
N GLU A 460 -16.83 -24.18 33.85
CA GLU A 460 -18.08 -24.94 33.83
C GLU A 460 -17.80 -26.37 34.27
N LEU A 461 -16.68 -26.92 33.80
CA LEU A 461 -16.24 -28.26 34.16
C LEU A 461 -15.93 -28.34 35.66
N LYS A 462 -15.29 -27.29 36.19
CA LYS A 462 -14.96 -27.20 37.61
C LYS A 462 -16.20 -27.33 38.50
N GLU A 463 -17.28 -26.63 38.13
CA GLU A 463 -18.51 -26.69 38.91
C GLU A 463 -19.26 -28.00 38.76
N LEU A 464 -19.13 -28.62 37.59
CA LEU A 464 -19.76 -29.92 37.32
C LEU A 464 -19.06 -31.05 38.08
N LEU A 465 -17.73 -30.98 38.16
CA LEU A 465 -16.95 -31.96 38.89
C LEU A 465 -17.20 -31.88 40.41
N ASN A 466 -17.38 -30.66 40.90
CA ASN A 466 -17.75 -30.43 42.30
C ASN A 466 -19.10 -31.06 42.63
N LYS A 467 -20.04 -30.92 41.71
CA LYS A 467 -21.37 -31.52 41.84
C LYS A 467 -21.25 -33.05 41.80
N MET A 468 -20.37 -33.56 40.94
CA MET A 468 -20.16 -35.01 40.80
C MET A 468 -19.47 -35.62 42.01
N VAL A 469 -18.49 -34.93 42.56
CA VAL A 469 -17.82 -35.37 43.79
C VAL A 469 -18.78 -35.36 44.98
N ASN A 470 -19.63 -34.34 45.06
CA ASN A 470 -20.64 -34.24 46.11
C ASN A 470 -21.80 -35.22 45.95
N LEU A 471 -21.89 -35.85 44.78
CA LEU A 471 -22.92 -36.84 44.52
C LEU A 471 -22.39 -38.25 44.75
N LYS A 472 -21.19 -38.52 44.25
CA LYS A 472 -20.50 -39.78 44.54
C LYS A 472 -20.24 -39.93 46.04
N GLU A 473 -20.30 -38.83 46.77
CA GLU A 473 -20.18 -38.85 48.22
C GLU A 473 -21.48 -39.31 48.87
N LYS A 474 -22.61 -38.80 48.36
CA LYS A 474 -23.92 -39.16 48.89
C LYS A 474 -24.36 -40.55 48.44
N ILE A 475 -23.92 -40.96 47.25
CA ILE A 475 -24.15 -42.32 46.75
C ILE A 475 -23.39 -43.34 47.62
N LYS A 476 -22.16 -43.00 47.98
CA LYS A 476 -21.33 -43.83 48.86
C LYS A 476 -22.02 -44.09 50.20
N GLU A 477 -22.60 -43.04 50.77
CA GLU A 477 -23.29 -43.11 52.06
C GLU A 477 -24.63 -43.83 51.95
N LEU A 478 -25.35 -43.57 50.85
CA LEU A 478 -26.69 -44.12 50.64
C LEU A 478 -26.65 -45.61 50.33
N HIS A 479 -25.58 -46.05 49.65
CA HIS A 479 -25.37 -47.46 49.35
C HIS A 479 -25.09 -48.24 50.60
N GLN A 480 -24.33 -47.64 51.50
CA GLN A 480 -24.05 -48.23 52.81
C GLN A 480 -25.34 -48.43 53.61
N GLN A 481 -26.23 -47.44 53.56
CA GLN A 481 -27.49 -47.47 54.28
C GLN A 481 -28.42 -48.57 53.75
N TYR A 482 -28.55 -48.65 52.43
CA TYR A 482 -29.33 -49.70 51.79
C TYR A 482 -28.77 -51.08 52.11
N LYS A 483 -27.44 -51.19 52.12
CA LYS A 483 -26.77 -52.43 52.48
C LYS A 483 -27.17 -52.88 53.89
N GLU A 484 -27.09 -51.97 54.86
CA GLU A 484 -27.45 -52.24 56.26
C GLU A 484 -28.93 -52.57 56.43
N ALA A 485 -29.77 -52.05 55.53
CA ALA A 485 -31.19 -52.35 55.54
C ALA A 485 -31.47 -53.73 54.97
N SER A 486 -30.59 -54.18 54.07
CA SER A 486 -30.77 -55.47 53.44
C SER A 486 -30.16 -56.57 54.27
N GLU A 487 -29.27 -56.21 55.18
CA GLU A 487 -28.64 -57.18 56.04
C GLU A 487 -29.62 -57.62 57.10
N VAL A 488 -30.69 -56.87 57.28
CA VAL A 488 -31.74 -57.28 58.19
C VAL A 488 -32.56 -58.32 57.50
N LYS A 489 -32.22 -59.58 57.73
CA LYS A 489 -32.89 -60.69 57.07
C LYS A 489 -34.35 -60.78 57.48
N PRO A 490 -35.21 -61.30 56.52
CA PRO A 490 -36.61 -61.37 56.96
C PRO A 490 -36.80 -62.60 57.82
N PRO A 491 -38.01 -62.82 58.35
CA PRO A 491 -39.16 -61.97 58.09
C PRO A 491 -39.10 -60.63 58.82
N ARG A 492 -39.44 -59.56 58.11
CA ARG A 492 -39.40 -58.21 58.66
C ARG A 492 -40.73 -57.50 58.48
N ASP A 493 -41.08 -56.61 59.40
CA ASP A 493 -42.33 -55.87 59.30
C ASP A 493 -42.31 -54.91 58.10
N ILE A 494 -43.41 -54.19 57.88
CA ILE A 494 -43.53 -53.41 56.66
C ILE A 494 -42.67 -52.15 56.59
N THR A 495 -42.42 -51.51 57.72
CA THR A 495 -41.56 -50.33 57.77
C THR A 495 -40.10 -50.70 57.43
N ALA A 496 -39.66 -51.85 57.93
CA ALA A 496 -38.32 -52.35 57.64
C ALA A 496 -38.20 -52.80 56.18
N GLU A 497 -39.30 -53.26 55.61
CA GLU A 497 -39.36 -53.63 54.19
C GLU A 497 -39.38 -52.37 53.33
N PHE A 498 -40.12 -51.37 53.78
CA PHE A 498 -40.21 -50.08 53.11
C PHE A 498 -38.85 -49.40 53.02
N LEU A 499 -38.10 -49.46 54.12
CA LEU A 499 -36.75 -48.91 54.19
C LEU A 499 -35.88 -49.42 53.05
N VAL A 500 -35.80 -50.75 52.92
CA VAL A 500 -35.01 -51.39 51.87
C VAL A 500 -35.43 -50.88 50.48
N LYS A 501 -36.74 -50.84 50.24
CA LYS A 501 -37.30 -50.37 48.97
C LYS A 501 -37.04 -48.89 48.74
N SER A 502 -37.37 -48.07 49.74
CA SER A 502 -37.13 -46.63 49.69
C SER A 502 -35.69 -46.31 49.30
N LYS A 503 -34.74 -46.82 50.08
CA LYS A 503 -33.32 -46.60 49.83
C LYS A 503 -32.88 -47.12 48.46
N HIS A 504 -33.58 -48.14 47.95
CA HIS A 504 -33.28 -48.67 46.63
C HIS A 504 -33.69 -47.70 45.57
N ARG A 505 -34.88 -47.12 45.72
CA ARG A 505 -35.37 -46.12 44.79
C ARG A 505 -34.47 -44.88 44.80
N ASP A 506 -34.14 -44.42 46.00
CA ASP A 506 -33.30 -43.24 46.19
C ASP A 506 -31.91 -43.41 45.59
N LEU A 507 -31.38 -44.62 45.65
CA LEU A 507 -30.04 -44.88 45.12
C LEU A 507 -30.01 -44.86 43.60
N THR A 508 -31.00 -45.50 42.97
CA THR A 508 -31.10 -45.50 41.50
C THR A 508 -31.47 -44.12 40.94
N ALA A 509 -32.17 -43.31 41.75
CA ALA A 509 -32.48 -41.93 41.40
C ALA A 509 -31.21 -41.06 41.37
N LEU A 510 -30.34 -41.26 42.35
CA LEU A 510 -29.06 -40.54 42.41
C LEU A 510 -28.06 -41.10 41.41
N CYS A 511 -28.20 -42.38 41.07
CA CYS A 511 -27.38 -42.99 40.03
C CYS A 511 -27.84 -42.56 38.64
N LYS A 512 -29.08 -42.09 38.56
CA LYS A 512 -29.61 -41.53 37.32
C LYS A 512 -28.98 -40.15 37.06
N GLU A 513 -28.94 -39.32 38.09
CA GLU A 513 -28.35 -37.99 38.01
C GLU A 513 -26.87 -38.02 37.64
N TYR A 514 -26.11 -38.89 38.31
CA TYR A 514 -24.67 -39.02 38.08
C TYR A 514 -24.33 -39.42 36.65
N ASP A 515 -25.18 -40.26 36.06
CA ASP A 515 -24.98 -40.70 34.68
C ASP A 515 -25.31 -39.61 33.67
N GLU A 516 -26.28 -38.76 34.02
CA GLU A 516 -26.63 -37.59 33.21
C GLU A 516 -25.59 -36.48 33.34
N LEU A 517 -24.83 -36.50 34.43
CA LEU A 517 -23.74 -35.56 34.65
C LEU A 517 -22.43 -36.04 34.03
N ALA A 518 -22.26 -37.35 33.93
CA ALA A 518 -21.11 -37.95 33.23
C ALA A 518 -21.29 -37.79 31.73
N GLU A 519 -22.54 -37.65 31.30
CA GLU A 519 -22.89 -37.33 29.93
C GLU A 519 -22.44 -35.90 29.59
N THR A 520 -22.81 -34.96 30.46
CA THR A 520 -22.42 -33.56 30.32
C THR A 520 -20.90 -33.39 30.40
N GLN A 521 -20.26 -34.10 31.32
CA GLN A 521 -18.81 -34.07 31.48
C GLN A 521 -18.09 -34.51 30.20
N GLY A 522 -18.64 -35.51 29.52
CA GLY A 522 -18.07 -36.01 28.27
C GLY A 522 -18.18 -35.01 27.13
N LYS A 523 -19.19 -34.15 27.17
CA LYS A 523 -19.42 -33.13 26.15
C LYS A 523 -18.56 -31.89 26.33
N LEU A 524 -18.37 -31.46 27.59
CA LEU A 524 -17.52 -30.32 27.90
C LEU A 524 -16.05 -30.66 27.79
N GLU A 525 -15.71 -31.93 28.01
CA GLU A 525 -14.32 -32.38 28.00
C GLU A 525 -13.76 -32.47 26.57
N GLU A 526 -14.64 -32.71 25.60
CA GLU A 526 -14.25 -32.76 24.19
C GLU A 526 -14.36 -31.37 23.54
N LYS A 527 -15.19 -30.51 24.15
CA LYS A 527 -15.32 -29.12 23.74
C LYS A 527 -14.04 -28.34 24.05
N LEU A 528 -13.30 -28.80 25.07
CA LEU A 528 -12.02 -28.22 25.45
C LEU A 528 -10.87 -28.75 24.59
N GLN A 529 -11.04 -29.95 24.05
CA GLN A 529 -10.09 -30.51 23.08
C GLN A 529 -10.34 -29.93 21.70
N GLU A 530 -11.54 -29.38 21.50
CA GLU A 530 -11.88 -28.64 20.28
C GLU A 530 -11.11 -27.33 20.23
N LEU A 531 -11.28 -26.50 21.27
CA LEU A 531 -10.68 -25.17 21.33
C LEU A 531 -9.16 -25.20 21.42
N GLU A 532 -8.62 -26.14 22.19
CA GLU A 532 -7.17 -26.27 22.36
C GLU A 532 -6.47 -26.86 21.13
N ALA A 533 -7.25 -27.45 20.22
CA ALA A 533 -6.71 -28.06 19.00
C ALA A 533 -6.32 -27.00 17.97
N ASN A 534 -7.23 -26.06 17.71
CA ASN A 534 -6.99 -24.98 16.77
C ASN A 534 -7.00 -23.60 17.43
N PRO A 535 -5.80 -23.09 17.80
CA PRO A 535 -5.68 -21.75 18.35
C PRO A 535 -5.66 -20.70 17.24
N PRO A 536 -5.90 -19.41 17.58
CA PRO A 536 -5.73 -18.36 16.58
C PRO A 536 -4.25 -18.10 16.27
N SER A 537 -3.97 -17.09 15.44
CA SER A 537 -2.60 -16.77 15.04
C SER A 537 -1.71 -16.43 16.22
N ASP A 538 -0.51 -17.00 16.21
CA ASP A 538 0.49 -16.79 17.27
C ASP A 538 1.05 -15.37 17.24
N VAL A 539 1.54 -14.96 16.07
CA VAL A 539 2.08 -13.62 15.84
C VAL A 539 1.45 -13.02 14.58
N TYR A 540 1.55 -11.71 14.42
CA TYR A 540 1.14 -11.08 13.16
C TYR A 540 2.19 -11.30 12.07
N LEU A 541 3.44 -10.94 12.37
CA LEU A 541 4.57 -11.21 11.49
C LEU A 541 5.82 -11.51 12.30
N SER A 542 6.57 -12.51 11.86
CA SER A 542 7.82 -12.90 12.54
C SER A 542 8.97 -12.01 12.08
N SER A 543 10.12 -12.17 12.74
CA SER A 543 11.34 -11.46 12.38
C SER A 543 11.77 -11.74 10.94
N ARG A 544 11.50 -12.96 10.48
CA ARG A 544 11.77 -13.34 9.09
C ARG A 544 10.77 -12.66 8.15
N ASP A 545 9.50 -12.62 8.57
CA ASP A 545 8.44 -12.00 7.80
C ASP A 545 8.66 -10.49 7.65
N ARG A 546 8.88 -9.82 8.78
CA ARG A 546 9.04 -8.37 8.85
C ARG A 546 10.23 -7.86 7.99
N GLN A 547 11.26 -8.68 7.84
CA GLN A 547 12.40 -8.35 7.00
C GLN A 547 12.04 -8.34 5.51
N ILE A 548 11.25 -9.33 5.09
CA ILE A 548 10.80 -9.40 3.70
C ILE A 548 9.80 -8.29 3.40
N LEU A 549 8.98 -7.94 4.39
CA LEU A 549 8.06 -6.79 4.30
C LEU A 549 8.83 -5.47 4.13
N ASP A 550 10.00 -5.39 4.75
CA ASP A 550 10.85 -4.20 4.65
C ASP A 550 11.43 -4.02 3.26
N TRP A 551 11.65 -5.12 2.55
CA TRP A 551 12.11 -5.06 1.17
C TRP A 551 11.05 -4.44 0.31
N HIS A 552 9.80 -4.78 0.59
CA HIS A 552 8.68 -4.22 -0.14
C HIS A 552 8.51 -2.75 0.14
N PHE A 553 8.81 -2.34 1.37
CA PHE A 553 8.84 -0.92 1.71
C PHE A 553 9.99 -0.21 1.00
N ALA A 554 11.15 -0.86 0.95
CA ALA A 554 12.33 -0.30 0.27
C ALA A 554 12.02 -0.06 -1.20
N ASN A 555 11.30 -0.98 -1.82
CA ASN A 555 10.89 -0.85 -3.20
C ASN A 555 10.02 0.40 -3.41
N LEU A 556 9.12 0.65 -2.47
CA LEU A 556 8.27 1.84 -2.46
C LEU A 556 9.11 3.10 -2.20
N GLU A 557 10.13 2.95 -1.35
CA GLU A 557 11.05 4.05 -1.04
C GLU A 557 11.95 4.38 -2.22
N PHE A 558 12.21 3.37 -3.05
CA PHE A 558 12.96 3.57 -4.29
C PHE A 558 12.12 4.30 -5.33
N ALA A 559 10.89 3.82 -5.53
CA ALA A 559 9.99 4.41 -6.51
C ALA A 559 9.75 5.91 -6.25
N ASN A 560 9.60 6.27 -4.99
CA ASN A 560 9.39 7.66 -4.61
C ASN A 560 10.67 8.36 -4.20
N ALA A 561 11.78 7.64 -4.38
CA ALA A 561 13.12 8.12 -4.00
C ALA A 561 13.13 8.86 -2.65
N THR A 562 12.53 8.24 -1.63
CA THR A 562 12.42 8.89 -0.33
C THR A 562 11.91 7.97 0.77
N PRO A 563 12.41 8.15 2.01
CA PRO A 563 11.86 7.58 3.23
C PRO A 563 10.35 7.78 3.32
N LEU A 564 9.61 6.69 3.54
CA LEU A 564 8.16 6.72 3.58
C LEU A 564 7.60 7.66 4.66
N SER A 565 8.48 8.13 5.53
CA SER A 565 8.12 9.07 6.58
C SER A 565 8.04 10.50 6.06
N THR A 566 8.48 10.71 4.82
CA THR A 566 8.45 12.01 4.17
C THR A 566 7.24 12.16 3.23
N LEU A 567 6.75 11.04 2.71
CA LEU A 567 5.64 11.02 1.74
C LEU A 567 4.32 11.44 2.36
N SER A 568 3.52 12.19 1.60
CA SER A 568 2.18 12.58 2.03
C SER A 568 1.27 11.36 2.02
N LEU A 569 0.58 11.13 3.14
CA LEU A 569 -0.39 10.04 3.19
C LEU A 569 -1.47 10.27 2.14
N LYS A 570 -2.15 11.41 2.24
CA LYS A 570 -3.25 11.72 1.35
C LYS A 570 -2.86 11.72 -0.14
N HIS A 571 -1.67 12.23 -0.47
CA HIS A 571 -1.34 12.61 -1.86
C HIS A 571 -0.21 11.90 -2.56
N TRP A 572 0.57 11.09 -1.84
CA TRP A 572 1.79 10.51 -2.42
C TRP A 572 1.60 9.82 -3.74
N ASP A 573 0.40 9.34 -4.01
CA ASP A 573 0.13 8.59 -5.24
C ASP A 573 -0.90 9.30 -6.14
N GLN A 574 -0.97 10.62 -6.05
CA GLN A 574 -1.96 11.41 -6.79
C GLN A 574 -1.84 11.32 -8.31
N ASP A 575 -0.70 10.83 -8.79
CA ASP A 575 -0.45 10.71 -10.22
C ASP A 575 -0.71 9.30 -10.75
N ASP A 576 -1.28 8.44 -9.91
CA ASP A 576 -1.60 7.05 -10.29
C ASP A 576 -2.61 6.99 -11.43
N ASP A 577 -3.60 7.89 -11.38
CA ASP A 577 -4.68 7.94 -12.36
C ASP A 577 -4.22 8.16 -13.79
N PHE A 578 -3.01 8.66 -13.97
CA PHE A 578 -2.52 9.06 -15.30
C PHE A 578 -1.41 8.16 -15.80
N GLU A 579 -1.17 7.07 -15.08
CA GLU A 579 -0.13 6.11 -15.43
C GLU A 579 -0.36 5.54 -16.83
N PHE A 580 0.72 5.29 -17.56
CA PHE A 580 0.60 4.77 -18.92
C PHE A 580 0.30 3.28 -18.93
N THR A 581 -0.26 2.81 -20.04
CA THR A 581 -0.54 1.39 -20.24
C THR A 581 0.59 0.73 -21.03
N GLY A 582 0.80 -0.55 -20.80
CA GLY A 582 1.81 -1.31 -21.54
C GLY A 582 2.99 -1.70 -20.66
N SER A 583 3.85 -2.54 -21.23
CA SER A 583 5.03 -3.04 -20.52
C SER A 583 6.02 -1.90 -20.34
N HIS A 584 6.70 -1.90 -19.20
CA HIS A 584 7.80 -0.98 -18.96
C HIS A 584 8.99 -1.43 -19.76
N LEU A 585 9.75 -0.48 -20.28
CA LEU A 585 10.90 -0.79 -21.14
C LEU A 585 12.16 -0.09 -20.67
N THR A 586 13.31 -0.62 -21.06
CA THR A 586 14.59 0.04 -20.83
C THR A 586 15.19 0.47 -22.15
N VAL A 587 16.00 1.52 -22.11
CA VAL A 587 16.74 1.96 -23.28
C VAL A 587 18.06 1.20 -23.25
N ARG A 588 18.21 0.27 -24.18
CA ARG A 588 19.33 -0.68 -24.15
C ARG A 588 20.64 -0.04 -24.62
N ASN A 589 20.53 1.00 -25.44
CA ASN A 589 21.70 1.75 -25.91
C ASN A 589 21.95 3.04 -25.11
N GLY A 590 21.40 3.10 -23.89
CA GLY A 590 21.57 4.24 -23.01
C GLY A 590 20.59 5.37 -23.30
N TYR A 591 20.07 5.99 -22.24
CA TYR A 591 19.04 7.02 -22.38
C TYR A 591 19.57 8.34 -22.97
N SER A 592 20.88 8.59 -22.80
CA SER A 592 21.49 9.84 -23.26
C SER A 592 21.27 10.09 -24.75
N CYS A 593 21.10 9.01 -25.51
CA CYS A 593 20.81 9.10 -26.93
C CYS A 593 19.66 10.04 -27.25
N VAL A 594 18.82 10.31 -26.24
CA VAL A 594 17.62 11.15 -26.42
C VAL A 594 17.91 12.65 -26.25
N PRO A 595 18.43 13.07 -25.07
CA PRO A 595 18.83 14.47 -24.96
C PRO A 595 19.80 14.90 -26.06
N VAL A 596 20.76 14.03 -26.37
CA VAL A 596 21.73 14.32 -27.43
C VAL A 596 21.04 14.57 -28.77
N ALA A 597 20.11 13.70 -29.13
CA ALA A 597 19.35 13.88 -30.36
C ALA A 597 18.55 15.19 -30.37
N LEU A 598 18.02 15.57 -29.20
CA LEU A 598 17.25 16.81 -29.07
C LEU A 598 18.14 18.04 -29.14
N ALA A 599 19.39 17.87 -28.73
CA ALA A 599 20.37 18.95 -28.69
C ALA A 599 20.88 19.40 -30.07
N GLU A 600 20.62 18.61 -31.10
CA GLU A 600 21.15 18.89 -32.43
C GLU A 600 20.54 20.15 -33.04
N GLY A 601 21.41 21.09 -33.41
CA GLY A 601 20.99 22.36 -34.00
C GLY A 601 20.45 23.36 -32.99
N LEU A 602 21.12 23.45 -31.84
CA LEU A 602 20.69 24.37 -30.77
C LEU A 602 21.88 25.09 -30.13
N ASP A 603 21.67 26.36 -29.79
CA ASP A 603 22.70 27.18 -29.18
C ASP A 603 22.85 26.84 -27.70
N ILE A 604 23.76 25.93 -27.38
CA ILE A 604 23.94 25.46 -26.02
C ILE A 604 25.32 25.84 -25.48
N LYS A 605 25.34 26.68 -24.47
CA LYS A 605 26.58 27.09 -23.83
C LYS A 605 26.87 26.15 -22.66
N LEU A 606 27.76 25.19 -22.87
CA LEU A 606 28.16 24.26 -21.81
C LEU A 606 29.12 24.94 -20.83
N ASN A 607 29.29 24.35 -19.66
CA ASN A 607 30.20 24.87 -18.63
C ASN A 607 29.88 26.31 -18.22
N THR A 608 28.59 26.61 -18.12
CA THR A 608 28.10 27.96 -17.90
C THR A 608 27.12 27.98 -16.72
N ALA A 609 27.62 28.29 -15.53
CA ALA A 609 26.80 28.26 -14.32
C ALA A 609 26.08 29.58 -14.09
N VAL A 610 24.76 29.58 -14.31
CA VAL A 610 23.94 30.73 -13.98
C VAL A 610 24.06 31.10 -12.49
N ARG A 611 24.32 32.37 -12.21
CA ARG A 611 24.50 32.83 -10.84
C ARG A 611 23.36 33.75 -10.43
N GLN A 612 22.84 34.51 -11.38
CA GLN A 612 21.82 35.49 -11.06
C GLN A 612 20.82 35.65 -12.20
N VAL A 613 19.54 35.76 -11.85
CA VAL A 613 18.50 36.07 -12.82
C VAL A 613 17.87 37.41 -12.45
N ARG A 614 17.94 38.33 -13.40
CA ARG A 614 17.40 39.67 -13.26
C ARG A 614 16.27 39.84 -14.25
N TYR A 615 15.10 40.18 -13.74
CA TYR A 615 13.91 40.35 -14.59
C TYR A 615 13.19 41.66 -14.24
N THR A 616 12.91 42.45 -15.28
CA THR A 616 12.24 43.73 -15.13
C THR A 616 11.20 43.92 -16.23
N ALA A 617 10.33 44.91 -16.04
CA ALA A 617 9.24 45.20 -16.97
C ALA A 617 9.70 45.34 -18.42
N SER A 618 10.95 45.72 -18.63
CA SER A 618 11.49 45.95 -19.98
C SER A 618 12.27 44.76 -20.52
N GLY A 619 12.62 43.82 -19.65
CA GLY A 619 13.35 42.63 -20.08
C GLY A 619 14.16 41.95 -18.99
N CYS A 620 15.03 41.05 -19.41
CA CYS A 620 15.78 40.20 -18.48
C CYS A 620 17.25 40.15 -18.80
N GLU A 621 18.06 40.07 -17.75
CA GLU A 621 19.46 39.70 -17.91
C GLU A 621 19.84 38.54 -17.00
N VAL A 622 20.55 37.59 -17.60
CA VAL A 622 21.04 36.42 -16.89
C VAL A 622 22.55 36.51 -16.77
N ILE A 623 23.04 36.45 -15.53
CA ILE A 623 24.48 36.51 -15.26
C ILE A 623 25.02 35.13 -14.92
N ALA A 624 25.86 34.60 -15.81
CA ALA A 624 26.48 33.29 -15.63
C ALA A 624 28.01 33.40 -15.60
N VAL A 625 28.66 32.39 -15.03
CA VAL A 625 30.12 32.30 -15.03
C VAL A 625 30.57 31.02 -15.74
N ASN A 626 31.84 30.97 -16.11
CA ASN A 626 32.46 29.76 -16.64
C ASN A 626 32.83 28.83 -15.49
N THR A 627 32.33 27.60 -15.53
CA THR A 627 32.51 26.65 -14.42
C THR A 627 33.99 26.31 -14.14
N ARG A 628 34.82 26.41 -15.18
CA ARG A 628 36.25 26.14 -15.05
C ARG A 628 36.98 27.29 -14.36
N SER A 629 37.10 28.44 -15.02
CA SER A 629 37.61 29.66 -14.38
C SER A 629 36.45 30.56 -13.95
N THR A 630 36.11 30.51 -12.67
CA THR A 630 34.85 31.08 -12.16
C THR A 630 34.78 32.61 -12.20
N SER A 631 35.91 33.27 -12.40
CA SER A 631 35.97 34.72 -12.44
C SER A 631 35.53 35.30 -13.80
N GLN A 632 35.61 34.49 -14.85
CA GLN A 632 35.17 34.89 -16.18
C GLN A 632 33.63 34.95 -16.26
N THR A 633 33.10 36.17 -16.36
CA THR A 633 31.67 36.44 -16.25
C THR A 633 30.98 36.67 -17.59
N PHE A 634 29.76 36.14 -17.73
CA PHE A 634 28.95 36.32 -18.93
C PHE A 634 27.62 37.02 -18.59
N ILE A 635 27.13 37.79 -19.55
CA ILE A 635 25.86 38.50 -19.38
C ILE A 635 24.97 38.22 -20.60
N TYR A 636 23.73 37.82 -20.34
CA TYR A 636 22.77 37.53 -21.39
C TYR A 636 21.50 38.37 -21.25
N LYS A 637 21.14 39.05 -22.33
CA LYS A 637 19.97 39.91 -22.36
C LYS A 637 18.88 39.25 -23.19
N CYS A 638 17.67 39.19 -22.63
CA CYS A 638 16.56 38.48 -23.29
C CYS A 638 15.20 39.04 -22.93
N ASP A 639 14.21 38.72 -23.76
CA ASP A 639 12.81 39.06 -23.50
C ASP A 639 12.22 38.18 -22.38
N ALA A 640 12.64 36.92 -22.35
CA ALA A 640 12.11 35.92 -21.43
C ALA A 640 13.18 34.94 -20.95
N VAL A 641 13.02 34.48 -19.71
CA VAL A 641 13.85 33.43 -19.15
C VAL A 641 13.00 32.21 -18.82
N LEU A 642 13.43 31.06 -19.33
CA LEU A 642 12.83 29.78 -18.94
C LEU A 642 13.77 29.07 -17.98
N CYS A 643 13.32 28.92 -16.74
CA CYS A 643 14.10 28.30 -15.69
C CYS A 643 13.75 26.82 -15.57
N THR A 644 14.72 25.94 -15.80
CA THR A 644 14.50 24.50 -15.66
C THR A 644 15.41 23.90 -14.57
N LEU A 645 15.85 24.77 -13.66
CA LEU A 645 16.62 24.35 -12.49
C LEU A 645 15.87 23.31 -11.69
N PRO A 646 16.55 22.21 -11.31
CA PRO A 646 15.96 21.19 -10.46
C PRO A 646 15.48 21.77 -9.12
N LEU A 647 14.52 21.10 -8.51
CA LEU A 647 13.92 21.57 -7.26
C LEU A 647 14.96 21.61 -6.15
N GLY A 648 15.91 20.69 -6.19
CA GLY A 648 16.99 20.65 -5.22
C GLY A 648 17.88 21.87 -5.32
N VAL A 649 18.18 22.25 -6.56
CA VAL A 649 18.90 23.50 -6.84
C VAL A 649 18.09 24.70 -6.33
N LEU A 650 16.82 24.79 -6.71
CA LEU A 650 15.96 25.89 -6.29
C LEU A 650 15.81 25.96 -4.78
N LYS A 651 16.11 24.85 -4.11
CA LYS A 651 15.97 24.73 -2.65
C LYS A 651 17.19 25.21 -1.88
N GLN A 652 18.34 25.28 -2.55
CA GLN A 652 19.62 25.59 -1.89
C GLN A 652 19.52 26.79 -0.95
N GLN A 653 20.15 26.65 0.21
CA GLN A 653 20.24 27.73 1.18
C GLN A 653 21.60 27.70 1.86
N PRO A 654 22.46 28.70 1.58
CA PRO A 654 22.24 29.89 0.73
C PRO A 654 22.09 29.55 -0.76
N PRO A 655 21.31 30.38 -1.50
CA PRO A 655 20.97 30.11 -2.91
C PRO A 655 22.20 29.93 -3.79
N ALA A 656 22.12 29.01 -4.75
CA ALA A 656 23.12 28.90 -5.79
C ALA A 656 22.81 29.91 -6.90
N VAL A 657 21.51 30.15 -7.11
CA VAL A 657 21.07 31.16 -8.07
C VAL A 657 20.23 32.22 -7.34
N GLN A 658 20.62 33.48 -7.53
CA GLN A 658 19.89 34.59 -6.95
C GLN A 658 18.91 35.18 -7.96
N PHE A 659 17.68 35.40 -7.51
CA PHE A 659 16.67 36.05 -8.33
C PHE A 659 16.51 37.51 -7.93
N VAL A 660 16.52 38.38 -8.93
CA VAL A 660 16.37 39.82 -8.74
C VAL A 660 15.24 40.34 -9.61
N PRO A 661 14.12 40.78 -8.99
CA PRO A 661 13.88 40.78 -7.55
C PRO A 661 13.64 39.37 -6.99
N PRO A 662 13.62 39.21 -5.65
CA PRO A 662 13.45 37.86 -5.09
C PRO A 662 12.11 37.27 -5.50
N LEU A 663 12.07 35.96 -5.68
CA LEU A 663 10.84 35.24 -6.01
C LEU A 663 9.78 35.48 -4.95
N PRO A 664 8.51 35.63 -5.37
CA PRO A 664 7.43 35.91 -4.41
C PRO A 664 7.25 34.78 -3.42
N GLU A 665 6.77 35.15 -2.22
CA GLU A 665 6.52 34.23 -1.13
C GLU A 665 5.75 32.96 -1.55
N TRP A 666 4.74 33.12 -2.41
CA TRP A 666 3.95 31.98 -2.86
C TRP A 666 4.75 30.96 -3.63
N LYS A 667 5.76 31.43 -4.36
CA LYS A 667 6.63 30.54 -5.11
C LYS A 667 7.62 29.82 -4.20
N THR A 668 8.23 30.57 -3.28
CA THR A 668 9.30 30.03 -2.43
C THR A 668 8.74 29.03 -1.42
N SER A 669 7.51 29.28 -0.96
CA SER A 669 6.83 28.37 -0.04
C SER A 669 6.54 27.04 -0.71
N ALA A 670 6.14 27.08 -1.98
CA ALA A 670 5.96 25.88 -2.79
C ALA A 670 7.26 25.10 -2.88
N VAL A 671 8.36 25.81 -3.06
CA VAL A 671 9.68 25.18 -3.15
C VAL A 671 10.05 24.46 -1.85
N GLN A 672 9.84 25.14 -0.72
CA GLN A 672 10.11 24.54 0.60
C GLN A 672 9.20 23.36 0.92
N ARG A 673 7.91 23.51 0.62
CA ARG A 673 6.91 22.48 0.91
C ARG A 673 7.17 21.20 0.15
N MET A 674 7.35 21.31 -1.15
CA MET A 674 7.62 20.15 -2.01
C MET A 674 8.83 19.37 -1.53
N GLY A 675 8.83 18.07 -1.79
CA GLY A 675 9.96 17.24 -1.44
C GLY A 675 10.82 16.94 -2.64
N PHE A 676 12.13 16.88 -2.42
CA PHE A 676 13.07 16.48 -3.48
C PHE A 676 13.90 15.30 -3.03
N GLY A 677 13.52 14.12 -3.51
CA GLY A 677 14.12 12.88 -3.06
C GLY A 677 15.50 12.55 -3.58
N ASN A 678 15.93 11.33 -3.28
CA ASN A 678 17.27 10.84 -3.57
C ASN A 678 17.28 9.33 -3.74
N LEU A 679 17.87 8.86 -4.82
CA LEU A 679 18.14 7.43 -5.03
C LEU A 679 19.39 7.27 -5.86
N ASN A 680 20.22 6.30 -5.51
CA ASN A 680 21.50 6.11 -6.19
C ASN A 680 21.68 4.75 -6.86
N LYS A 681 22.64 4.68 -7.79
CA LYS A 681 22.88 3.48 -8.59
C LYS A 681 24.34 3.05 -8.56
N VAL A 682 24.58 1.75 -8.46
CA VAL A 682 25.93 1.19 -8.50
C VAL A 682 26.08 0.31 -9.74
N VAL A 683 26.91 0.73 -10.68
CA VAL A 683 27.11 0.00 -11.93
C VAL A 683 28.28 -0.96 -11.80
N LEU A 684 27.99 -2.26 -11.98
CA LEU A 684 29.01 -3.30 -11.87
C LEU A 684 29.20 -4.01 -13.22
N CYS A 685 30.38 -3.83 -13.80
CA CYS A 685 30.70 -4.40 -15.11
C CYS A 685 31.62 -5.61 -14.97
N PHE A 686 31.19 -6.73 -15.53
CA PHE A 686 31.95 -7.97 -15.44
C PHE A 686 32.34 -8.50 -16.83
N ASP A 687 33.15 -9.55 -16.84
CA ASP A 687 33.57 -10.21 -18.07
C ASP A 687 32.65 -11.37 -18.47
N ARG A 688 31.83 -11.82 -17.52
CA ARG A 688 30.96 -12.98 -17.72
C ARG A 688 29.65 -12.92 -16.93
N VAL A 689 28.57 -13.42 -17.54
CA VAL A 689 27.26 -13.51 -16.91
C VAL A 689 27.23 -14.71 -15.95
N PHE A 690 27.12 -14.42 -14.65
CA PHE A 690 27.03 -15.48 -13.63
C PHE A 690 25.65 -15.53 -12.95
N TRP A 691 24.70 -14.81 -13.54
CA TRP A 691 23.34 -14.75 -13.03
C TRP A 691 22.38 -15.35 -14.02
N ASP A 692 21.11 -15.47 -13.63
CA ASP A 692 20.07 -15.99 -14.51
C ASP A 692 19.79 -14.99 -15.63
N PRO A 693 20.18 -15.34 -16.88
CA PRO A 693 20.09 -14.45 -18.04
C PRO A 693 18.66 -14.05 -18.40
N SER A 694 17.68 -14.82 -17.94
CA SER A 694 16.27 -14.50 -18.20
C SER A 694 15.62 -13.79 -17.00
N VAL A 695 16.41 -13.52 -15.96
CA VAL A 695 15.96 -12.72 -14.83
C VAL A 695 16.46 -11.28 -14.99
N ASN A 696 15.52 -10.37 -15.15
CA ASN A 696 15.84 -8.95 -15.32
C ASN A 696 16.17 -8.26 -14.01
N LEU A 697 15.48 -8.64 -12.94
CA LEU A 697 15.69 -8.04 -11.63
C LEU A 697 15.53 -9.04 -10.50
N PHE A 698 16.43 -8.96 -9.51
CA PHE A 698 16.32 -9.77 -8.31
C PHE A 698 16.65 -8.98 -7.06
N GLY A 699 15.84 -9.16 -6.03
CA GLY A 699 16.01 -8.43 -4.77
C GLY A 699 16.97 -9.07 -3.79
N HIS A 700 17.39 -8.27 -2.82
CA HIS A 700 18.13 -8.75 -1.66
C HIS A 700 17.48 -8.18 -0.44
N VAL A 701 17.17 -9.06 0.51
CA VAL A 701 16.52 -8.64 1.75
C VAL A 701 17.57 -8.25 2.78
N GLY A 702 17.46 -7.03 3.30
CA GLY A 702 18.40 -6.53 4.30
C GLY A 702 18.22 -7.16 5.66
N SER A 703 19.09 -6.79 6.60
CA SER A 703 19.02 -7.31 7.97
C SER A 703 18.06 -6.53 8.84
N THR A 704 18.11 -5.20 8.74
CA THR A 704 17.31 -4.33 9.60
C THR A 704 16.39 -3.44 8.79
N THR A 705 15.40 -2.86 9.48
CA THR A 705 14.55 -1.82 8.91
C THR A 705 15.43 -0.64 8.47
N ALA A 706 16.36 -0.24 9.33
CA ALA A 706 17.27 0.87 9.07
C ALA A 706 17.99 0.79 7.73
N SER A 707 18.38 -0.42 7.31
CA SER A 707 19.17 -0.57 6.10
C SER A 707 18.42 -1.25 4.95
N ARG A 708 17.09 -1.17 4.97
CA ARG A 708 16.29 -1.87 3.98
C ARG A 708 16.57 -1.44 2.54
N GLY A 709 16.89 -0.15 2.37
CA GLY A 709 17.20 0.40 1.04
C GLY A 709 18.56 0.02 0.49
N GLU A 710 19.49 -0.33 1.38
CA GLU A 710 20.88 -0.58 1.01
C GLU A 710 21.06 -1.78 0.07
N LEU A 711 21.37 -1.47 -1.18
CA LEU A 711 21.65 -2.47 -2.21
C LEU A 711 20.57 -3.56 -2.29
N PHE A 712 19.31 -3.12 -2.20
CA PHE A 712 18.16 -4.00 -2.04
C PHE A 712 17.67 -4.60 -3.36
N LEU A 713 18.17 -4.13 -4.49
CA LEU A 713 17.68 -4.55 -5.79
C LEU A 713 18.79 -4.54 -6.84
N PHE A 714 18.72 -5.46 -7.80
CA PHE A 714 19.76 -5.60 -8.83
C PHE A 714 19.12 -5.73 -10.21
N TRP A 715 19.69 -5.05 -11.20
CA TRP A 715 19.13 -5.05 -12.56
C TRP A 715 20.06 -5.67 -13.57
N ASN A 716 19.49 -6.55 -14.38
CA ASN A 716 20.18 -7.12 -15.54
C ASN A 716 19.36 -6.76 -16.78
N LEU A 717 19.78 -5.69 -17.45
CA LEU A 717 18.97 -5.12 -18.53
C LEU A 717 19.73 -4.97 -19.85
N TYR A 718 21.04 -4.89 -19.76
CA TYR A 718 21.87 -4.53 -20.90
C TYR A 718 22.53 -5.73 -21.58
N LYS A 719 22.91 -5.55 -22.83
CA LYS A 719 23.54 -6.59 -23.66
C LYS A 719 24.79 -7.14 -22.98
N ALA A 720 25.71 -6.24 -22.64
CA ALA A 720 26.95 -6.58 -21.95
C ALA A 720 26.67 -7.10 -20.52
N PRO A 721 27.59 -7.90 -19.97
CA PRO A 721 27.48 -8.35 -18.58
C PRO A 721 27.58 -7.21 -17.56
N ILE A 722 26.44 -6.54 -17.34
CA ILE A 722 26.37 -5.44 -16.37
C ILE A 722 25.25 -5.70 -15.36
N LEU A 723 25.61 -5.61 -14.08
CA LEU A 723 24.60 -5.63 -13.02
C LEU A 723 24.52 -4.27 -12.32
N LEU A 724 23.30 -3.80 -12.12
CA LEU A 724 23.05 -2.47 -11.60
C LEU A 724 22.34 -2.57 -10.25
N ALA A 725 22.95 -2.00 -9.21
CA ALA A 725 22.42 -2.11 -7.84
C ALA A 725 21.88 -0.79 -7.29
N LEU A 726 20.64 -0.82 -6.80
CA LEU A 726 19.96 0.35 -6.28
C LEU A 726 20.23 0.61 -4.80
N VAL A 727 20.36 1.88 -4.44
CA VAL A 727 20.43 2.29 -3.04
C VAL A 727 19.30 3.28 -2.75
N ALA A 728 18.34 2.86 -1.94
CA ALA A 728 17.11 3.64 -1.74
C ALA A 728 16.91 4.11 -0.31
N GLY A 729 15.77 4.74 -0.06
CA GLY A 729 15.35 5.16 1.28
C GLY A 729 16.38 5.94 2.06
N GLU A 730 16.42 5.71 3.37
CA GLU A 730 17.37 6.37 4.26
C GLU A 730 18.82 6.01 3.94
N ALA A 731 19.01 4.87 3.29
CA ALA A 731 20.34 4.39 2.91
C ALA A 731 21.03 5.29 1.89
N ALA A 732 20.28 5.72 0.87
CA ALA A 732 20.82 6.55 -0.22
C ALA A 732 21.63 7.74 0.27
N GLY A 733 21.05 8.51 1.20
CA GLY A 733 21.69 9.69 1.78
C GLY A 733 22.96 9.39 2.54
N ILE A 734 23.00 8.24 3.23
CA ILE A 734 24.15 7.85 4.04
C ILE A 734 25.26 7.20 3.22
N MET A 735 24.88 6.44 2.19
CA MET A 735 25.83 5.74 1.33
C MET A 735 26.70 6.69 0.49
N GLU A 736 26.34 7.96 0.45
CA GLU A 736 27.10 8.96 -0.31
C GLU A 736 28.38 9.38 0.41
N ASN A 737 28.38 9.23 1.74
CA ASN A 737 29.58 9.47 2.58
C ASN A 737 30.45 8.23 2.71
N ILE A 738 30.36 7.33 1.74
CA ILE A 738 31.13 6.09 1.75
C ILE A 738 31.76 5.88 0.39
N SER A 739 33.02 5.45 0.37
CA SER A 739 33.79 5.30 -0.86
C SER A 739 33.25 4.19 -1.77
N ASP A 740 33.61 4.27 -3.05
CA ASP A 740 33.16 3.31 -4.06
C ASP A 740 33.68 1.90 -3.78
N ASP A 741 34.89 1.81 -3.24
CA ASP A 741 35.52 0.52 -2.91
C ASP A 741 34.72 -0.23 -1.85
N VAL A 742 34.34 0.47 -0.79
CA VAL A 742 33.51 -0.07 0.28
C VAL A 742 32.12 -0.46 -0.24
N ILE A 743 31.56 0.37 -1.11
CA ILE A 743 30.23 0.14 -1.70
C ILE A 743 30.23 -1.11 -2.59
N VAL A 744 31.23 -1.20 -3.48
CA VAL A 744 31.39 -2.37 -4.36
C VAL A 744 31.72 -3.63 -3.53
N GLY A 745 32.41 -3.42 -2.41
CA GLY A 745 32.68 -4.49 -1.45
C GLY A 745 31.42 -5.18 -0.98
N ARG A 746 30.46 -4.38 -0.50
CA ARG A 746 29.18 -4.89 -0.04
C ARG A 746 28.35 -5.47 -1.19
N CYS A 747 28.54 -4.91 -2.39
CA CYS A 747 27.87 -5.41 -3.59
C CYS A 747 28.33 -6.83 -3.94
N LEU A 748 29.64 -7.04 -3.90
CA LEU A 748 30.21 -8.36 -4.18
C LEU A 748 29.81 -9.37 -3.10
N ALA A 749 29.90 -8.95 -1.83
CA ALA A 749 29.47 -9.76 -0.69
C ALA A 749 28.08 -10.35 -0.90
N ILE A 750 27.10 -9.50 -1.21
CA ILE A 750 25.72 -9.93 -1.45
C ILE A 750 25.62 -10.91 -2.62
N LEU A 751 26.26 -10.56 -3.74
CA LEU A 751 26.24 -11.41 -4.94
C LEU A 751 26.91 -12.77 -4.74
N LYS A 752 27.97 -12.79 -3.91
CA LYS A 752 28.66 -14.03 -3.54
C LYS A 752 27.74 -14.97 -2.77
N GLY A 753 27.04 -14.41 -1.79
CA GLY A 753 26.08 -15.17 -0.98
C GLY A 753 24.92 -15.76 -1.77
N ILE A 754 24.64 -15.18 -2.93
CA ILE A 754 23.50 -15.62 -3.76
C ILE A 754 23.91 -16.56 -4.89
N PHE A 755 25.06 -16.32 -5.51
CA PHE A 755 25.48 -17.08 -6.69
C PHE A 755 26.68 -18.00 -6.47
N GLY A 756 27.31 -17.88 -5.31
CA GLY A 756 28.48 -18.69 -4.99
C GLY A 756 29.74 -17.87 -4.83
N SER A 757 30.40 -18.03 -3.69
CA SER A 757 31.57 -17.25 -3.29
C SER A 757 32.76 -17.33 -4.27
N SER A 758 32.66 -18.18 -5.28
CA SER A 758 33.70 -18.33 -6.29
C SER A 758 33.15 -18.23 -7.72
N ALA A 759 31.89 -17.83 -7.84
CA ALA A 759 31.27 -17.60 -9.14
C ALA A 759 31.16 -16.11 -9.46
N VAL A 760 31.55 -15.27 -8.49
CA VAL A 760 31.49 -13.82 -8.63
C VAL A 760 32.91 -13.23 -8.75
N PRO A 761 33.34 -12.91 -9.99
CA PRO A 761 34.68 -12.39 -10.23
C PRO A 761 34.81 -10.93 -9.81
N GLN A 762 36.01 -10.36 -9.93
CA GLN A 762 36.22 -8.95 -9.67
C GLN A 762 35.68 -8.10 -10.82
N PRO A 763 34.97 -7.00 -10.48
CA PRO A 763 34.40 -6.10 -11.49
C PRO A 763 35.48 -5.31 -12.22
N LYS A 764 35.37 -5.26 -13.55
CA LYS A 764 36.33 -4.55 -14.38
C LYS A 764 36.20 -3.04 -14.25
N GLU A 765 34.96 -2.54 -14.41
CA GLU A 765 34.66 -1.12 -14.26
C GLU A 765 33.51 -0.92 -13.27
N THR A 766 33.64 0.07 -12.39
CA THR A 766 32.59 0.41 -11.43
C THR A 766 32.32 1.91 -11.33
N VAL A 767 31.03 2.28 -11.29
CA VAL A 767 30.60 3.66 -11.05
C VAL A 767 29.57 3.72 -9.94
N VAL A 768 29.64 4.74 -9.10
CA VAL A 768 28.63 4.99 -8.07
C VAL A 768 28.12 6.43 -8.16
N SER A 769 26.83 6.60 -8.42
CA SER A 769 26.20 7.92 -8.45
C SER A 769 26.07 8.55 -7.06
N ARG A 770 26.12 9.88 -7.00
CA ARG A 770 25.84 10.62 -5.77
C ARG A 770 25.01 11.87 -6.06
N TRP A 771 23.71 11.66 -6.26
CA TRP A 771 22.82 12.72 -6.74
C TRP A 771 22.54 13.83 -5.77
N ARG A 772 22.54 13.54 -4.47
CA ARG A 772 22.34 14.59 -3.48
C ARG A 772 23.56 15.51 -3.43
N ALA A 773 24.74 14.92 -3.64
CA ALA A 773 25.99 15.67 -3.60
C ALA A 773 26.20 16.55 -4.83
N ASP A 774 25.73 16.05 -5.98
CA ASP A 774 25.84 16.75 -7.26
C ASP A 774 25.22 18.15 -7.15
N PRO A 775 26.04 19.20 -7.36
CA PRO A 775 25.57 20.58 -7.25
C PRO A 775 24.55 21.02 -8.31
N TRP A 776 24.46 20.28 -9.42
CA TRP A 776 23.52 20.60 -10.51
C TRP A 776 22.25 19.78 -10.45
N ALA A 777 22.03 19.12 -9.33
CA ALA A 777 20.84 18.35 -9.07
C ALA A 777 20.40 18.56 -7.61
N ARG A 778 21.29 18.25 -6.67
CA ARG A 778 21.03 18.36 -5.23
C ARG A 778 19.94 17.38 -4.79
N GLY A 779 19.90 16.24 -5.48
CA GLY A 779 18.89 15.20 -5.28
C GLY A 779 18.60 14.45 -6.58
N SER A 780 17.53 13.64 -6.57
CA SER A 780 17.24 12.77 -7.69
C SER A 780 15.95 13.15 -8.45
N TYR A 781 14.84 13.20 -7.74
CA TYR A 781 13.59 13.74 -8.29
C TYR A 781 12.55 14.02 -7.20
N SER A 782 11.58 14.86 -7.53
CA SER A 782 10.60 15.33 -6.54
C SER A 782 9.62 14.24 -6.12
N TYR A 783 9.07 14.41 -4.93
CA TYR A 783 8.01 13.56 -4.42
C TYR A 783 7.01 14.45 -3.69
N VAL A 784 5.77 13.98 -3.54
CA VAL A 784 4.80 14.77 -2.78
C VAL A 784 5.08 14.58 -1.30
N ALA A 785 5.77 15.56 -0.70
CA ALA A 785 6.07 15.51 0.72
C ALA A 785 4.81 15.69 1.54
N ALA A 786 4.87 15.21 2.79
CA ALA A 786 3.80 15.45 3.76
C ALA A 786 3.67 16.92 4.00
N GLY A 787 2.45 17.44 3.82
CA GLY A 787 2.20 18.88 3.94
C GLY A 787 2.11 19.53 2.57
N SER A 788 2.54 18.81 1.55
CA SER A 788 2.45 19.29 0.17
C SER A 788 1.21 18.69 -0.48
N SER A 789 0.96 19.07 -1.72
CA SER A 789 -0.07 18.44 -2.55
C SER A 789 0.31 18.55 -4.02
N GLY A 790 -0.56 18.07 -4.89
CA GLY A 790 -0.33 18.17 -6.33
C GLY A 790 -0.50 19.61 -6.80
N ASN A 791 -1.14 20.41 -5.96
CA ASN A 791 -1.36 21.82 -6.27
C ASN A 791 -0.06 22.62 -6.25
N ASP A 792 0.90 22.18 -5.45
CA ASP A 792 2.22 22.81 -5.39
C ASP A 792 2.96 22.73 -6.71
N TYR A 793 2.76 21.62 -7.42
CA TYR A 793 3.31 21.43 -8.76
C TYR A 793 2.77 22.48 -9.73
N ASP A 794 1.49 22.79 -9.59
CA ASP A 794 0.86 23.87 -10.35
C ASP A 794 1.53 25.21 -10.05
N LEU A 795 1.68 25.52 -8.77
CA LEU A 795 2.37 26.74 -8.35
C LEU A 795 3.75 26.87 -8.97
N MET A 796 4.53 25.78 -8.94
CA MET A 796 5.85 25.75 -9.57
C MET A 796 5.82 26.12 -11.05
N ALA A 797 4.75 25.77 -11.75
CA ALA A 797 4.66 26.03 -13.19
C ALA A 797 4.23 27.46 -13.52
N GLN A 798 3.61 28.14 -12.55
CA GLN A 798 3.14 29.52 -12.72
C GLN A 798 4.28 30.50 -12.98
N PRO A 799 4.19 31.28 -14.07
CA PRO A 799 5.21 32.26 -14.43
C PRO A 799 5.23 33.48 -13.50
N ILE A 800 6.33 34.25 -13.54
CA ILE A 800 6.48 35.47 -12.74
C ILE A 800 6.42 36.74 -13.60
N THR A 801 5.57 37.68 -13.20
CA THR A 801 5.46 38.98 -13.86
C THR A 801 6.07 40.04 -12.93
N PRO A 802 7.09 40.77 -13.43
CA PRO A 802 7.76 41.80 -12.65
C PRO A 802 6.88 43.00 -12.42
N GLY A 803 7.21 43.81 -11.40
CA GLY A 803 6.53 45.09 -11.19
C GLY A 803 6.85 46.08 -12.30
N PRO A 804 6.08 47.19 -12.39
CA PRO A 804 6.40 48.17 -13.41
C PRO A 804 7.63 49.00 -13.03
N SER A 805 8.40 49.44 -14.03
CA SER A 805 9.58 50.28 -13.81
C SER A 805 9.12 51.65 -13.31
N ILE A 806 8.47 52.39 -14.20
CA ILE A 806 7.81 53.65 -13.84
C ILE A 806 6.56 53.31 -13.05
N PRO A 807 6.40 53.88 -11.84
CA PRO A 807 5.12 53.69 -11.14
C PRO A 807 3.97 54.31 -11.94
N GLY A 808 2.84 53.59 -12.01
CA GLY A 808 1.69 54.02 -12.81
C GLY A 808 1.69 53.49 -14.24
N ALA A 809 2.81 52.90 -14.66
CA ALA A 809 2.89 52.26 -15.97
C ALA A 809 2.09 50.97 -15.97
N PRO A 810 1.51 50.60 -17.13
CA PRO A 810 0.61 49.44 -17.24
C PRO A 810 1.23 48.12 -16.75
N GLN A 811 0.36 47.18 -16.39
CA GLN A 811 0.76 45.82 -15.99
C GLN A 811 1.65 45.15 -17.05
N PRO A 812 2.87 44.74 -16.64
CA PRO A 812 3.84 44.18 -17.58
C PRO A 812 3.51 42.76 -18.05
N ILE A 813 4.22 42.35 -19.10
CA ILE A 813 4.28 40.98 -19.58
C ILE A 813 4.98 40.10 -18.52
N PRO A 814 4.54 38.84 -18.38
CA PRO A 814 5.30 37.85 -17.60
C PRO A 814 6.67 37.56 -18.24
N ARG A 815 7.69 37.44 -17.40
CA ARG A 815 9.09 37.40 -17.88
C ARG A 815 9.83 36.11 -17.50
N LEU A 816 9.52 35.58 -16.31
CA LEU A 816 10.19 34.40 -15.79
C LEU A 816 9.27 33.20 -15.80
N PHE A 817 9.66 32.16 -16.55
CA PHE A 817 8.87 30.95 -16.72
C PHE A 817 9.59 29.73 -16.14
N PHE A 818 8.84 28.71 -15.78
CA PHE A 818 9.40 27.51 -15.17
C PHE A 818 8.91 26.23 -15.83
N ALA A 819 9.86 25.39 -16.24
CA ALA A 819 9.57 24.05 -16.72
C ALA A 819 10.34 23.06 -15.85
N GLY A 820 10.12 21.78 -16.09
CA GLY A 820 10.85 20.77 -15.36
C GLY A 820 9.97 19.78 -14.65
N GLU A 821 10.52 18.58 -14.50
CA GLU A 821 9.96 17.49 -13.72
C GLU A 821 9.08 17.93 -12.53
N HIS A 822 9.53 18.94 -11.80
CA HIS A 822 8.81 19.40 -10.59
C HIS A 822 7.69 20.36 -10.86
N THR A 823 7.35 20.57 -12.14
CA THR A 823 6.33 21.56 -12.52
C THR A 823 5.06 20.92 -13.11
N ILE A 824 5.13 19.62 -13.39
CA ILE A 824 4.04 18.93 -14.08
C ILE A 824 3.30 17.96 -13.14
N ARG A 825 2.24 18.49 -12.54
CA ARG A 825 1.36 17.81 -11.57
C ARG A 825 1.01 16.35 -11.92
N ASN A 826 0.63 16.12 -13.17
CA ASN A 826 0.16 14.79 -13.58
C ASN A 826 1.24 13.80 -13.98
N TYR A 827 2.48 14.26 -14.14
CA TYR A 827 3.58 13.37 -14.54
C TYR A 827 4.92 13.74 -13.90
N PRO A 828 4.93 14.02 -12.58
CA PRO A 828 6.19 14.45 -11.99
C PRO A 828 7.23 13.33 -11.94
N ALA A 829 8.46 13.69 -11.61
CA ALA A 829 9.56 12.77 -11.37
C ALA A 829 9.85 11.80 -12.54
N THR A 830 9.54 12.23 -13.76
CA THR A 830 9.75 11.38 -14.93
C THR A 830 10.40 12.12 -16.09
N VAL A 831 10.84 11.37 -17.10
CA VAL A 831 11.36 12.00 -18.32
C VAL A 831 10.22 12.60 -19.13
N HIS A 832 9.20 11.79 -19.41
CA HIS A 832 8.07 12.25 -20.21
C HIS A 832 7.43 13.47 -19.60
N GLY A 833 7.37 13.52 -18.27
CA GLY A 833 6.80 14.65 -17.56
C GLY A 833 7.61 15.91 -17.79
N ALA A 834 8.93 15.78 -17.66
CA ALA A 834 9.83 16.88 -17.94
C ALA A 834 9.61 17.36 -19.36
N LEU A 835 9.82 16.45 -20.32
CA LEU A 835 9.57 16.67 -21.74
C LEU A 835 8.29 17.46 -21.96
N LEU A 836 7.19 16.98 -21.38
CA LEU A 836 5.90 17.63 -21.55
C LEU A 836 5.86 19.06 -20.99
N SER A 837 6.52 19.29 -19.86
CA SER A 837 6.50 20.62 -19.21
C SER A 837 7.23 21.65 -20.05
N GLY A 838 8.31 21.21 -20.69
CA GLY A 838 9.03 22.01 -21.67
C GLY A 838 8.10 22.40 -22.81
N LEU A 839 7.42 21.41 -23.39
CA LEU A 839 6.46 21.66 -24.45
C LEU A 839 5.43 22.69 -23.98
N ARG A 840 4.94 22.51 -22.75
CA ARG A 840 3.95 23.38 -22.15
C ARG A 840 4.42 24.84 -22.15
N GLU A 841 5.64 25.06 -21.67
CA GLU A 841 6.18 26.41 -21.54
C GLU A 841 6.46 27.07 -22.88
N ALA A 842 7.11 26.34 -23.78
CA ALA A 842 7.35 26.81 -25.14
C ALA A 842 6.05 27.31 -25.76
N GLY A 843 4.97 26.57 -25.54
CA GLY A 843 3.66 27.00 -26.01
C GLY A 843 3.21 28.30 -25.37
N ARG A 844 3.39 28.39 -24.05
CA ARG A 844 2.90 29.54 -23.29
C ARG A 844 3.70 30.79 -23.63
N ILE A 845 5.00 30.60 -23.84
CA ILE A 845 5.92 31.70 -24.14
C ILE A 845 5.67 32.24 -25.55
N ALA A 846 5.51 31.34 -26.53
CA ALA A 846 5.21 31.74 -27.89
C ALA A 846 3.90 32.53 -27.94
N ASP A 847 2.88 32.04 -27.23
CA ASP A 847 1.60 32.73 -27.13
C ASP A 847 1.77 34.15 -26.62
N GLN A 848 2.72 34.34 -25.72
CA GLN A 848 2.97 35.63 -25.07
C GLN A 848 3.71 36.61 -25.98
N PHE A 849 4.72 36.12 -26.71
CA PHE A 849 5.63 36.98 -27.45
C PHE A 849 5.47 36.96 -28.97
N LEU A 850 4.79 35.94 -29.48
CA LEU A 850 4.45 35.87 -30.90
C LEU A 850 2.95 36.00 -31.13
N GLY A 851 2.18 35.99 -30.03
CA GLY A 851 0.73 36.12 -30.11
C GLY A 851 0.03 34.87 -30.62
N ALA A 852 -1.21 34.70 -30.20
CA ALA A 852 -2.03 33.57 -30.63
C ALA A 852 -3.01 33.99 -31.74
N MET A 853 -2.75 33.51 -32.95
CA MET A 853 -3.57 33.83 -34.11
C MET A 853 -4.81 32.93 -34.21
N TYR A 854 -4.76 31.81 -33.49
CA TYR A 854 -5.78 30.75 -33.55
C TYR A 854 -6.96 30.95 -32.58
N THR A 855 -6.92 32.03 -31.79
CA THR A 855 -7.95 32.28 -30.78
C THR A 855 -9.13 33.13 -31.28
N LEU A 856 -9.10 33.51 -32.57
CA LEU A 856 -10.21 34.22 -33.21
C LEU A 856 -11.34 33.26 -33.57
N ARG B 308 -15.33 1.90 1.39
CA ARG B 308 -16.47 1.60 2.32
C ARG B 308 -16.02 0.82 3.55
N LYS B 309 -15.23 -0.23 3.31
CA LYS B 309 -14.76 -1.11 4.38
C LYS B 309 -13.28 -1.49 4.19
N PRO B 310 -12.58 -1.78 5.31
CA PRO B 310 -11.17 -2.18 5.24
C PRO B 310 -10.99 -3.45 4.41
N PRO B 311 -9.77 -3.71 3.91
CA PRO B 311 -9.52 -4.98 3.23
C PRO B 311 -9.83 -6.13 4.18
N LYS B 312 -10.45 -7.18 3.66
CA LYS B 312 -10.91 -8.29 4.51
C LYS B 312 -9.74 -9.04 5.16
N GLY B 313 -9.67 -8.93 6.48
CA GLY B 313 -8.56 -9.47 7.27
C GLY B 313 -7.78 -8.37 7.97
N MET B 314 -7.92 -7.14 7.47
CA MET B 314 -7.36 -5.96 8.10
C MET B 314 -8.39 -5.40 9.08
N PHE B 315 -7.94 -4.98 10.26
CA PHE B 315 -8.85 -4.49 11.28
C PHE B 315 -8.51 -3.08 11.72
N LEU B 316 -9.43 -2.15 11.41
CA LEU B 316 -9.18 -0.72 11.57
C LEU B 316 -10.47 0.01 11.91
N SER B 317 -10.72 0.20 13.19
CA SER B 317 -11.90 0.97 13.60
C SER B 317 -11.48 2.35 14.09
N GLN B 318 -12.37 3.32 13.91
CA GLN B 318 -12.14 4.70 14.33
C GLN B 318 -11.66 4.79 15.78
N GLU B 319 -12.29 4.01 16.66
CA GLU B 319 -11.96 3.97 18.08
C GLU B 319 -10.54 3.46 18.34
N ASP B 320 -10.14 2.43 17.61
CA ASP B 320 -8.83 1.80 17.77
C ASP B 320 -7.66 2.67 17.29
N VAL B 321 -7.92 3.47 16.26
CA VAL B 321 -6.90 4.37 15.72
C VAL B 321 -6.57 5.48 16.73
N GLU B 322 -7.62 6.08 17.30
CA GLU B 322 -7.47 7.14 18.30
C GLU B 322 -6.72 6.67 19.55
N ALA B 323 -6.86 5.39 19.88
CA ALA B 323 -6.25 4.80 21.07
C ALA B 323 -4.75 4.57 20.90
N VAL B 324 -4.35 4.16 19.71
CA VAL B 324 -2.95 3.82 19.41
C VAL B 324 -2.13 5.07 19.08
N SER B 325 -2.81 6.17 18.80
CA SER B 325 -2.15 7.44 18.49
C SER B 325 -2.56 8.56 19.47
N ALA B 326 -2.83 8.19 20.72
CA ALA B 326 -3.18 9.16 21.76
C ALA B 326 -1.96 9.95 22.22
N ASN B 327 -0.81 9.29 22.25
CA ASN B 327 0.48 9.93 22.55
C ASN B 327 1.64 9.23 21.84
N ALA B 328 2.86 9.47 22.32
CA ALA B 328 4.07 8.93 21.70
C ALA B 328 4.20 7.42 21.88
N THR B 329 3.89 6.94 23.09
CA THR B 329 4.04 5.52 23.43
C THR B 329 2.71 4.87 23.84
N ALA B 330 1.60 5.46 23.39
CA ALA B 330 0.27 4.87 23.57
C ALA B 330 0.15 3.57 22.76
N ALA B 331 0.98 3.46 21.72
CA ALA B 331 1.06 2.26 20.89
C ALA B 331 1.62 1.07 21.67
N THR B 332 2.73 1.30 22.36
CA THR B 332 3.42 0.23 23.11
C THR B 332 2.69 -0.08 24.43
N THR B 333 2.03 0.93 24.99
CA THR B 333 1.24 0.78 26.22
C THR B 333 0.10 -0.22 26.03
N VAL B 334 -0.72 0.00 25.01
CA VAL B 334 -1.84 -0.87 24.68
C VAL B 334 -1.38 -2.31 24.41
N LEU B 335 -0.30 -2.47 23.65
CA LEU B 335 0.25 -3.79 23.32
C LEU B 335 0.84 -4.53 24.52
N ARG B 336 1.26 -3.78 25.55
CA ARG B 336 1.75 -4.37 26.80
C ARG B 336 0.62 -4.81 27.72
N GLN B 337 -0.40 -3.97 27.85
CA GLN B 337 -1.58 -4.29 28.66
C GLN B 337 -2.30 -5.55 28.19
N LEU B 338 -2.18 -5.85 26.89
CA LEU B 338 -2.73 -7.07 26.32
C LEU B 338 -1.76 -8.24 26.48
N ASP B 339 -0.46 -7.94 26.48
CA ASP B 339 0.57 -8.95 26.71
C ASP B 339 0.57 -9.47 28.15
N MET B 340 0.24 -8.58 29.09
CA MET B 340 0.10 -8.96 30.49
C MET B 340 -1.24 -9.63 30.77
N GLU B 341 -2.29 -9.17 30.08
CA GLU B 341 -3.61 -9.81 30.15
C GLU B 341 -3.56 -11.25 29.64
N LEU B 342 -2.72 -11.49 28.64
CA LEU B 342 -2.53 -12.81 28.07
C LEU B 342 -1.83 -13.76 29.04
N VAL B 343 -0.77 -13.27 29.68
CA VAL B 343 -0.04 -14.04 30.70
C VAL B 343 -0.94 -14.36 31.90
N SER B 344 -1.70 -13.36 32.35
CA SER B 344 -2.66 -13.50 33.44
C SER B 344 -3.67 -14.61 33.20
N VAL B 345 -4.28 -14.60 32.01
CA VAL B 345 -5.30 -15.59 31.65
C VAL B 345 -4.70 -16.98 31.36
N LYS B 346 -3.47 -17.00 30.86
CA LYS B 346 -2.80 -18.27 30.53
C LYS B 346 -2.41 -19.05 31.79
N ARG B 347 -1.98 -18.34 32.83
CA ARG B 347 -1.64 -18.98 34.11
C ARG B 347 -2.88 -19.30 34.94
N GLN B 348 -3.99 -18.61 34.64
CA GLN B 348 -5.28 -18.92 35.24
C GLN B 348 -5.83 -20.22 34.66
N ILE B 349 -5.47 -20.50 33.41
CA ILE B 349 -5.83 -21.75 32.73
C ILE B 349 -5.16 -22.95 33.37
N GLN B 350 -3.86 -22.86 33.61
CA GLN B 350 -3.10 -23.95 34.22
C GLN B 350 -3.52 -24.22 35.65
N ASN B 351 -3.98 -23.17 36.33
CA ASN B 351 -4.45 -23.26 37.71
C ASN B 351 -5.74 -24.07 37.82
N ILE B 352 -6.72 -23.75 36.98
CA ILE B 352 -8.01 -24.47 36.94
C ILE B 352 -7.87 -25.83 36.26
N LYS B 353 -6.83 -25.98 35.42
CA LYS B 353 -6.50 -27.27 34.83
C LYS B 353 -5.95 -28.21 35.91
N GLN B 354 -5.22 -27.63 36.86
CA GLN B 354 -4.68 -28.37 38.01
C GLN B 354 -5.78 -28.71 39.01
N THR B 355 -6.68 -27.75 39.27
CA THR B 355 -7.82 -27.96 40.14
C THR B 355 -8.73 -29.08 39.64
N ASN B 356 -9.02 -29.07 38.35
CA ASN B 356 -9.86 -30.11 37.73
C ASN B 356 -9.18 -31.46 37.60
N SER B 357 -7.85 -31.46 37.49
CA SER B 357 -7.06 -32.69 37.46
C SER B 357 -7.14 -33.44 38.78
N ALA B 358 -7.19 -32.69 39.88
CA ALA B 358 -7.32 -33.25 41.23
C ALA B 358 -8.73 -33.79 41.49
N LEU B 359 -9.75 -33.04 41.05
CA LEU B 359 -11.14 -33.44 41.20
C LEU B 359 -11.50 -34.67 40.37
N LYS B 360 -10.77 -34.87 39.27
CA LYS B 360 -10.96 -36.04 38.41
C LYS B 360 -10.45 -37.32 39.08
N GLU B 361 -9.38 -37.20 39.85
CA GLU B 361 -8.78 -38.36 40.52
C GLU B 361 -9.66 -38.85 41.67
N LYS B 362 -10.43 -37.94 42.26
CA LYS B 362 -11.38 -38.29 43.32
C LYS B 362 -12.61 -39.04 42.78
N LEU B 363 -12.89 -38.84 41.49
CA LEU B 363 -14.01 -39.54 40.83
C LEU B 363 -13.55 -40.82 40.15
N ASP B 364 -12.35 -41.30 40.47
CA ASP B 364 -11.83 -42.52 39.88
C ASP B 364 -12.54 -43.76 40.43
N GLY B 365 -12.97 -44.62 39.51
CA GLY B 365 -13.80 -45.78 39.84
C GLY B 365 -15.25 -45.56 39.45
N GLY B 366 -15.64 -44.29 39.36
CA GLY B 366 -17.02 -43.92 39.03
C GLY B 366 -17.96 -44.23 40.18
N ILE B 367 -19.11 -44.83 39.85
CA ILE B 367 -20.04 -45.32 40.86
C ILE B 367 -20.35 -46.81 40.63
N GLU B 368 -19.35 -47.56 40.18
CA GLU B 368 -19.53 -48.97 39.84
C GLU B 368 -19.79 -49.89 41.04
N PRO B 369 -19.05 -49.70 42.16
CA PRO B 369 -19.33 -50.54 43.32
C PRO B 369 -20.53 -50.03 44.12
N TYR B 370 -21.42 -49.30 43.47
CA TYR B 370 -22.59 -48.70 44.12
C TYR B 370 -23.88 -48.88 43.32
N ARG B 371 -23.75 -49.49 42.14
CA ARG B 371 -24.90 -49.75 41.28
C ARG B 371 -25.64 -51.01 41.69
N LEU B 372 -26.97 -50.91 41.70
CA LEU B 372 -27.83 -52.05 42.02
C LEU B 372 -28.47 -52.61 40.75
N PRO B 373 -28.30 -53.93 40.52
CA PRO B 373 -28.82 -54.62 39.33
C PRO B 373 -30.28 -54.32 39.00
N GLU B 374 -30.60 -54.40 37.71
CA GLU B 374 -31.94 -54.10 37.19
C GLU B 374 -32.99 -55.11 37.70
N VAL B 375 -34.05 -54.60 38.30
CA VAL B 375 -35.16 -55.43 38.78
C VAL B 375 -36.39 -55.22 37.89
N ILE B 376 -36.65 -56.18 37.01
CA ILE B 376 -37.79 -56.12 36.10
C ILE B 376 -38.93 -56.97 36.64
N GLN B 377 -40.07 -56.32 36.91
CA GLN B 377 -41.27 -57.03 37.39
C GLN B 377 -42.52 -56.52 36.68
N LYS B 378 -43.38 -57.45 36.29
CA LYS B 378 -44.58 -57.14 35.52
C LYS B 378 -45.65 -56.47 36.37
N CYS B 379 -46.31 -55.47 35.77
CA CYS B 379 -47.27 -54.63 36.47
C CYS B 379 -48.56 -55.38 36.82
N ASN B 380 -48.84 -55.47 38.12
CA ASN B 380 -50.02 -56.17 38.64
C ASN B 380 -51.16 -55.23 38.98
N ALA B 381 -52.39 -55.70 38.81
CA ALA B 381 -53.59 -54.90 39.07
C ALA B 381 -54.05 -54.97 40.53
N ARG B 382 -53.79 -56.10 41.18
CA ARG B 382 -54.23 -56.34 42.56
C ARG B 382 -53.34 -55.65 43.59
N TRP B 383 -53.99 -55.04 44.58
CA TRP B 383 -53.31 -54.44 45.72
C TRP B 383 -53.26 -55.40 46.88
N THR B 384 -52.10 -55.96 47.15
CA THR B 384 -51.90 -56.77 48.35
C THR B 384 -51.83 -55.83 49.56
N THR B 385 -52.24 -56.34 50.72
CA THR B 385 -52.15 -55.58 51.98
C THR B 385 -50.74 -55.01 52.15
N GLU B 386 -49.73 -55.84 51.85
CA GLU B 386 -48.34 -55.43 51.86
C GLU B 386 -48.12 -54.19 50.99
N GLU B 387 -48.57 -54.26 49.74
CA GLU B 387 -48.39 -53.18 48.76
C GLU B 387 -49.09 -51.88 49.18
N GLN B 388 -50.28 -52.01 49.75
CA GLN B 388 -51.02 -50.85 50.27
C GLN B 388 -50.25 -50.14 51.38
N LEU B 389 -49.59 -50.91 52.24
CA LEU B 389 -48.83 -50.37 53.37
C LEU B 389 -47.55 -49.68 52.92
N LEU B 390 -46.88 -50.27 51.91
CA LEU B 390 -45.73 -49.63 51.28
C LEU B 390 -46.14 -48.26 50.72
N ALA B 391 -47.29 -48.22 50.06
CA ALA B 391 -47.84 -47.01 49.47
C ALA B 391 -48.05 -45.89 50.50
N VAL B 392 -48.78 -46.18 51.57
CA VAL B 392 -49.03 -45.20 52.64
C VAL B 392 -47.73 -44.57 53.14
N GLN B 393 -46.68 -45.38 53.29
CA GLN B 393 -45.37 -44.89 53.73
C GLN B 393 -44.67 -44.10 52.63
N ALA B 394 -44.86 -44.50 51.38
CA ALA B 394 -44.28 -43.81 50.22
C ALA B 394 -44.91 -42.44 50.00
N ILE B 395 -46.18 -42.31 50.35
CA ILE B 395 -46.86 -41.01 50.33
C ILE B 395 -46.27 -40.10 51.41
N ARG B 396 -46.09 -40.68 52.60
CA ARG B 396 -45.52 -39.97 53.75
C ARG B 396 -44.11 -39.44 53.47
N LYS B 397 -43.39 -40.12 52.58
CA LYS B 397 -41.99 -39.79 52.29
C LYS B 397 -41.79 -39.00 50.99
N TYR B 398 -42.73 -39.11 50.05
CA TYR B 398 -42.56 -38.50 48.74
C TYR B 398 -43.67 -37.53 48.31
N GLY B 399 -44.78 -37.52 49.05
CA GLY B 399 -45.89 -36.61 48.77
C GLY B 399 -46.64 -36.95 47.49
N ARG B 400 -46.57 -36.06 46.51
CA ARG B 400 -47.28 -36.23 45.24
C ARG B 400 -46.40 -36.77 44.12
N ASP B 401 -45.15 -37.13 44.45
CA ASP B 401 -44.25 -37.73 43.47
C ASP B 401 -44.72 -39.14 43.14
N PHE B 402 -45.63 -39.24 42.18
CA PHE B 402 -46.25 -40.51 41.80
C PHE B 402 -45.25 -41.49 41.20
N GLN B 403 -44.20 -40.96 40.59
CA GLN B 403 -43.17 -41.78 39.98
C GLN B 403 -42.32 -42.49 41.03
N ALA B 404 -41.95 -41.76 42.08
CA ALA B 404 -41.17 -42.31 43.18
C ALA B 404 -41.93 -43.44 43.88
N ILE B 405 -43.18 -43.17 44.23
CA ILE B 405 -44.06 -44.15 44.87
C ILE B 405 -44.19 -45.43 44.03
N SER B 406 -44.37 -45.26 42.72
CA SER B 406 -44.47 -46.38 41.78
C SER B 406 -43.23 -47.27 41.79
N ASP B 407 -42.06 -46.66 41.96
CA ASP B 407 -40.80 -47.39 41.96
C ASP B 407 -40.56 -48.12 43.29
N VAL B 408 -40.99 -47.50 44.38
CA VAL B 408 -40.89 -48.08 45.72
C VAL B 408 -41.71 -49.37 45.81
N ILE B 409 -42.97 -49.30 45.38
CA ILE B 409 -43.87 -50.46 45.40
C ILE B 409 -43.38 -51.56 44.45
N GLY B 410 -43.04 -51.17 43.23
CA GLY B 410 -42.40 -52.09 42.29
C GLY B 410 -43.27 -52.54 41.13
N ASN B 411 -44.50 -52.98 41.45
CA ASN B 411 -45.40 -53.52 40.44
C ASN B 411 -46.70 -52.73 40.30
N LYS B 412 -46.60 -51.40 40.33
CA LYS B 412 -47.76 -50.54 40.11
C LYS B 412 -47.41 -49.40 39.14
N SER B 413 -48.26 -49.22 38.14
CA SER B 413 -48.09 -48.13 37.17
C SER B 413 -48.46 -46.79 37.79
N VAL B 414 -47.91 -45.72 37.22
CA VAL B 414 -48.09 -44.36 37.73
C VAL B 414 -49.58 -43.98 37.87
N VAL B 415 -50.40 -44.49 36.96
CA VAL B 415 -51.84 -44.23 36.98
C VAL B 415 -52.55 -44.98 38.12
N GLN B 416 -52.14 -46.23 38.34
CA GLN B 416 -52.68 -47.04 39.45
C GLN B 416 -52.43 -46.36 40.78
N VAL B 417 -51.26 -45.73 40.89
CA VAL B 417 -50.89 -44.93 42.06
C VAL B 417 -51.84 -43.74 42.21
N LYS B 418 -52.09 -43.04 41.09
CA LYS B 418 -53.01 -41.90 41.08
C LYS B 418 -54.42 -42.32 41.49
N ASN B 419 -54.84 -43.49 41.01
CA ASN B 419 -56.13 -44.07 41.37
C ASN B 419 -56.20 -44.39 42.86
N PHE B 420 -55.14 -45.02 43.36
CA PHE B 420 -55.00 -45.36 44.78
C PHE B 420 -55.31 -44.17 45.69
N PHE B 421 -54.81 -42.99 45.30
CA PHE B 421 -55.05 -41.75 46.04
C PHE B 421 -56.53 -41.44 46.20
N VAL B 422 -57.30 -41.68 45.14
CA VAL B 422 -58.74 -41.38 45.13
C VAL B 422 -59.52 -42.52 45.79
N ASN B 423 -59.11 -43.75 45.52
CA ASN B 423 -59.82 -44.95 45.99
C ASN B 423 -59.78 -45.12 47.51
N TYR B 424 -58.57 -45.16 48.07
CA TYR B 424 -58.38 -45.42 49.49
C TYR B 424 -58.23 -44.11 50.27
N ARG B 425 -58.82 -43.05 49.72
CA ARG B 425 -58.69 -41.68 50.23
C ARG B 425 -59.02 -41.57 51.72
N ARG B 426 -60.25 -41.93 52.09
CA ARG B 426 -60.72 -41.76 53.46
C ARG B 426 -60.20 -42.86 54.39
N ARG B 427 -60.02 -44.06 53.85
CA ARG B 427 -59.60 -45.23 54.61
C ARG B 427 -58.12 -45.18 55.03
N PHE B 428 -57.28 -44.56 54.20
CA PHE B 428 -55.88 -44.36 54.53
C PHE B 428 -55.55 -42.90 54.84
N ASN B 429 -56.55 -42.15 55.27
CA ASN B 429 -56.42 -40.72 55.64
C ASN B 429 -55.31 -39.97 54.89
N ILE B 430 -55.34 -40.08 53.56
CA ILE B 430 -54.29 -39.53 52.69
C ILE B 430 -54.20 -38.00 52.78
N ASP B 431 -55.28 -37.36 53.19
CA ASP B 431 -55.30 -35.92 53.47
C ASP B 431 -54.33 -35.58 54.62
N GLU B 432 -54.41 -36.35 55.69
CA GLU B 432 -53.54 -36.16 56.86
C GLU B 432 -52.09 -36.55 56.55
N VAL B 433 -51.92 -37.61 55.77
CA VAL B 433 -50.58 -38.11 55.40
C VAL B 433 -49.82 -37.08 54.56
N LEU B 434 -50.54 -36.39 53.68
CA LEU B 434 -49.94 -35.39 52.80
C LEU B 434 -49.62 -34.08 53.52
N GLN B 435 -50.44 -33.70 54.50
CA GLN B 435 -50.23 -32.46 55.24
C GLN B 435 -49.05 -32.55 56.21
N GLU B 436 -48.74 -33.77 56.66
CA GLU B 436 -47.59 -34.01 57.52
C GLU B 436 -46.29 -34.11 56.70
N TRP B 437 -46.43 -34.46 55.43
CA TRP B 437 -45.32 -34.48 54.49
C TRP B 437 -44.88 -33.09 54.14
N GLU B 438 -45.85 -32.17 54.07
CA GLU B 438 -45.58 -30.76 53.80
C GLU B 438 -44.94 -30.04 54.98
N ALA B 439 -45.16 -30.57 56.18
CA ALA B 439 -44.58 -30.03 57.41
C ALA B 439 -43.07 -30.22 57.50
N GLU B 440 -42.51 -31.07 56.64
CA GLU B 440 -41.07 -31.30 56.56
C GLU B 440 -40.44 -30.53 55.40
N PRO C 1 7.19 8.73 -8.29
CA PRO C 1 5.94 8.06 -8.63
C PRO C 1 5.94 6.58 -8.27
N ARG C 2 4.75 6.01 -8.04
CA ARG C 2 4.60 4.59 -7.77
C ARG C 2 4.99 3.74 -9.00
N SER C 3 4.99 4.37 -10.16
CA SER C 3 5.25 3.70 -11.44
C SER C 3 6.59 2.97 -11.52
N PHE C 4 7.61 3.49 -10.84
CA PHE C 4 8.96 2.93 -10.89
C PHE C 4 9.12 1.60 -10.14
N ALA C 5 8.23 1.35 -9.17
CA ALA C 5 8.29 0.18 -8.29
C ALA C 5 8.45 -1.14 -9.05
N ALA C 6 9.34 -1.99 -8.55
CA ALA C 6 9.62 -3.29 -9.14
C ALA C 6 8.42 -4.23 -9.09
PA FAD D . 17.32 18.12 -15.32
O1A FAD D . 18.03 18.07 -13.98
O2A FAD D . 17.48 17.00 -16.33
O5B FAD D . 17.75 19.50 -16.06
C5B FAD D . 18.24 20.63 -15.32
C4B FAD D . 19.55 21.09 -15.96
O4B FAD D . 19.97 22.33 -15.39
C3B FAD D . 20.68 20.10 -15.74
O3B FAD D . 21.29 19.84 -17.00
C2B FAD D . 21.64 20.81 -14.80
O2B FAD D . 23.01 20.45 -15.04
C1B FAD D . 21.38 22.26 -15.12
N9A FAD D . 21.71 23.21 -14.04
C8A FAD D . 21.59 23.05 -12.70
N7A FAD D . 22.00 24.16 -12.04
C5A FAD D . 22.39 25.06 -12.97
C6A FAD D . 22.92 26.45 -12.98
N6A FAD D . 23.14 27.12 -11.82
N1A FAD D . 23.20 27.02 -14.18
C2A FAD D . 23.00 26.38 -15.35
N3A FAD D . 22.52 25.12 -15.42
C4A FAD D . 22.20 24.43 -14.29
N1 FAD D . 12.43 9.23 -15.00
C2 FAD D . 11.77 8.30 -15.74
O2 FAD D . 10.80 8.66 -16.44
N3 FAD D . 12.11 7.00 -15.75
C4 FAD D . 13.15 6.53 -15.04
O4 FAD D . 13.45 5.32 -15.06
C4X FAD D . 13.91 7.47 -14.20
N5 FAD D . 14.96 7.05 -13.45
C5X FAD D . 15.66 7.91 -12.69
C6 FAD D . 16.72 7.44 -11.94
C7 FAD D . 17.48 8.31 -11.16
C7M FAD D . 18.63 7.76 -10.36
C8 FAD D . 17.12 9.75 -11.13
C8M FAD D . 17.92 10.71 -10.29
C9 FAD D . 16.05 10.23 -11.87
C9A FAD D . 15.30 9.36 -12.67
N10 FAD D . 14.21 9.83 -13.45
C10 FAD D . 13.49 8.90 -14.22
C1' FAD D . 13.84 11.25 -13.41
C2' FAD D . 14.20 11.99 -14.68
O2' FAD D . 15.56 11.67 -15.02
C3' FAD D . 14.08 13.49 -14.42
O3' FAD D . 12.78 13.77 -13.89
C4' FAD D . 14.27 14.33 -15.67
O4' FAD D . 15.44 13.94 -16.41
C5' FAD D . 14.39 15.79 -15.23
O5' FAD D . 14.46 16.66 -16.35
P FAD D . 14.58 18.25 -16.13
O1P FAD D . 13.32 18.72 -15.47
O2P FAD D . 15.02 18.82 -17.45
O3P FAD D . 15.76 18.40 -15.03
#